data_6O1X
#
_entry.id   6O1X
#
_cell.length_a   48.969
_cell.length_b   99.495
_cell.length_c   139.314
_cell.angle_alpha   90.000
_cell.angle_beta   90.000
_cell.angle_gamma   90.000
#
_symmetry.space_group_name_H-M   'P 21 21 21'
#
loop_
_entity.id
_entity.type
_entity.pdbx_description
1 polymer 'DNA translocase coupling protein'
2 non-polymer beta-D-glucopyranose
3 non-polymer 'PHOSPHOTHIOPHOSPHORIC ACID-ADENYLATE ESTER'
4 water water
#
_entity_poly.entity_id   1
_entity_poly.type   'polypeptide(L)'
_entity_poly.pdbx_seq_one_letter_code
;SKNKEDKRNAEYRLAFEQLNFVGADSKTPILKSFIEDKGTRIDEITFESMIPIETWKSYIPQLQTSLNISIISIEQGASK
RIVIIKSMAGDAKIPKYLPWDDKYIEEQEGVVVVGQTFSGNIKIDLNKSPHILSAGETGSGKSVILRCILWQLLKQGAIA
YMVDFKGGVEFGLEYEKVGQVITEVDAAEKLFKYLVDENAKRLKLLRESGSKNIGEYNKKFEGEELKRIIVVIDELAELM
DKTGVDDETRAKLVRIEGYTSTLARLSRATGINLCIGVQRPDAKVITGQIKNNVPVRICGRFADSKASEIVLSNTKAKDL
PEVKGRFLFKLGADTVQFQAFYFDDDKHFIPNKILKLRK
;
_entity_poly.pdbx_strand_id   A,B
#
# COMPACT_ATOMS: atom_id res chain seq x y z
N ASP A 6 -36.65 -24.38 11.28
CA ASP A 6 -35.46 -23.55 11.09
C ASP A 6 -35.88 -22.05 11.12
N LYS A 7 -35.70 -21.43 12.31
CA LYS A 7 -36.09 -20.06 12.64
C LYS A 7 -35.43 -19.03 11.73
N ARG A 8 -34.11 -19.09 11.58
CA ARG A 8 -33.31 -18.16 10.77
C ARG A 8 -33.80 -18.11 9.30
N ASN A 9 -33.96 -19.29 8.66
CA ASN A 9 -34.41 -19.46 7.29
C ASN A 9 -35.76 -18.82 7.13
N ALA A 10 -36.67 -19.07 8.09
CA ALA A 10 -38.02 -18.50 8.12
C ALA A 10 -38.00 -16.99 8.18
N GLU A 11 -37.13 -16.41 9.05
CA GLU A 11 -36.95 -14.97 9.27
C GLU A 11 -36.53 -14.26 7.98
N TYR A 12 -35.58 -14.86 7.25
CA TYR A 12 -35.04 -14.33 5.99
C TYR A 12 -36.12 -14.33 4.90
N ARG A 13 -36.82 -15.48 4.75
CA ARG A 13 -37.95 -15.69 3.82
C ARG A 13 -39.01 -14.61 4.06
N LEU A 14 -39.28 -14.27 5.34
CA LEU A 14 -40.27 -13.23 5.68
C LEU A 14 -39.78 -11.85 5.29
N ALA A 15 -38.51 -11.55 5.58
CA ALA A 15 -37.87 -10.27 5.28
C ALA A 15 -37.88 -9.98 3.77
N PHE A 16 -37.59 -11.01 2.93
CA PHE A 16 -37.60 -10.93 1.45
C PHE A 16 -39.02 -10.87 0.91
N GLU A 17 -39.97 -11.56 1.56
CA GLU A 17 -41.39 -11.57 1.14
C GLU A 17 -42.02 -10.22 1.34
N GLN A 18 -41.66 -9.55 2.46
CA GLN A 18 -42.09 -8.19 2.83
C GLN A 18 -41.60 -7.17 1.79
N LEU A 19 -40.44 -7.44 1.18
CA LEU A 19 -39.83 -6.57 0.16
C LEU A 19 -40.29 -6.93 -1.24
N ASN A 20 -40.99 -8.12 -1.40
CA ASN A 20 -41.43 -8.72 -2.67
C ASN A 20 -40.13 -8.97 -3.49
N PHE A 21 -39.03 -9.23 -2.76
CA PHE A 21 -37.71 -9.44 -3.35
C PHE A 21 -37.61 -10.85 -3.95
N VAL A 22 -38.15 -11.00 -5.17
CA VAL A 22 -38.21 -12.28 -5.88
C VAL A 22 -37.58 -12.24 -7.27
N GLY A 23 -37.03 -13.39 -7.69
CA GLY A 23 -36.43 -13.56 -9.01
C GLY A 23 -37.46 -13.67 -10.11
N ALA A 24 -37.00 -13.88 -11.36
CA ALA A 24 -37.87 -14.05 -12.54
C ALA A 24 -38.77 -15.30 -12.42
N ASP A 25 -38.42 -16.23 -11.50
CA ASP A 25 -39.15 -17.46 -11.18
C ASP A 25 -40.18 -17.24 -10.05
N SER A 26 -40.31 -15.96 -9.61
CA SER A 26 -41.18 -15.52 -8.52
C SER A 26 -40.78 -16.16 -7.17
N LYS A 27 -39.48 -16.46 -7.03
CA LYS A 27 -38.90 -17.04 -5.83
C LYS A 27 -38.00 -16.07 -5.08
N THR A 28 -38.17 -16.02 -3.75
CA THR A 28 -37.32 -15.24 -2.85
C THR A 28 -35.97 -15.98 -2.78
N PRO A 29 -34.85 -15.32 -2.41
CA PRO A 29 -33.57 -16.04 -2.34
C PRO A 29 -33.59 -17.18 -1.31
N ILE A 30 -33.00 -18.33 -1.66
CA ILE A 30 -32.92 -19.48 -0.76
C ILE A 30 -31.56 -19.45 -0.04
N LEU A 31 -31.56 -19.48 1.28
CA LEU A 31 -30.31 -19.43 2.06
C LEU A 31 -29.57 -20.78 1.94
N LYS A 32 -28.33 -20.74 1.43
CA LYS A 32 -27.51 -21.94 1.18
C LYS A 32 -26.45 -22.23 2.24
N SER A 33 -25.76 -21.19 2.69
CA SER A 33 -24.69 -21.33 3.66
C SER A 33 -24.60 -20.08 4.55
N PHE A 34 -24.01 -20.22 5.73
CA PHE A 34 -23.83 -19.13 6.69
C PHE A 34 -22.59 -19.40 7.56
N ILE A 35 -21.39 -19.25 6.98
CA ILE A 35 -20.11 -19.46 7.68
C ILE A 35 -19.82 -18.22 8.50
N GLU A 36 -19.68 -18.39 9.82
CA GLU A 36 -19.45 -17.30 10.77
C GLU A 36 -18.05 -17.34 11.34
N ASP A 37 -17.44 -16.16 11.53
CA ASP A 37 -16.13 -16.04 12.15
C ASP A 37 -16.36 -15.45 13.54
N LYS A 38 -16.20 -16.25 14.61
CA LYS A 38 -16.46 -15.80 15.98
C LYS A 38 -15.38 -14.82 16.54
N GLY A 39 -14.27 -14.61 15.82
CA GLY A 39 -13.22 -13.69 16.23
C GLY A 39 -13.36 -12.30 15.61
N THR A 40 -13.52 -12.28 14.28
CA THR A 40 -13.68 -11.04 13.50
C THR A 40 -15.14 -10.60 13.42
N ARG A 41 -16.08 -11.53 13.63
CA ARG A 41 -17.55 -11.37 13.57
C ARG A 41 -18.02 -11.00 12.13
N ILE A 42 -17.26 -11.47 11.13
CA ILE A 42 -17.49 -11.30 9.69
C ILE A 42 -18.00 -12.65 9.16
N ASP A 43 -19.26 -12.65 8.79
CA ASP A 43 -20.00 -13.78 8.29
C ASP A 43 -19.99 -13.82 6.77
N GLU A 44 -20.19 -15.02 6.22
CA GLU A 44 -20.27 -15.25 4.79
C GLU A 44 -21.66 -15.85 4.57
N ILE A 45 -22.54 -15.08 3.88
CA ILE A 45 -23.92 -15.48 3.61
C ILE A 45 -24.14 -15.76 2.12
N THR A 46 -24.34 -17.05 1.79
CA THR A 46 -24.58 -17.58 0.44
C THR A 46 -26.08 -17.77 0.21
N PHE A 47 -26.57 -17.27 -0.96
CA PHE A 47 -27.96 -17.32 -1.41
C PHE A 47 -28.06 -17.78 -2.83
N GLU A 48 -29.14 -18.50 -3.16
CA GLU A 48 -29.45 -18.90 -4.53
C GLU A 48 -30.74 -18.19 -4.92
N SER A 49 -30.64 -17.25 -5.88
CA SER A 49 -31.75 -16.47 -6.40
C SER A 49 -31.57 -16.18 -7.90
N MET A 50 -32.69 -15.81 -8.57
CA MET A 50 -32.72 -15.45 -9.99
C MET A 50 -32.67 -13.93 -10.16
N ILE A 51 -32.15 -13.27 -9.13
CA ILE A 51 -32.04 -11.82 -9.04
C ILE A 51 -30.61 -11.39 -9.43
N PRO A 52 -30.46 -10.47 -10.41
CA PRO A 52 -29.10 -9.99 -10.74
C PRO A 52 -28.42 -9.29 -9.57
N ILE A 53 -27.09 -9.38 -9.53
CA ILE A 53 -26.22 -8.81 -8.51
C ILE A 53 -26.47 -7.30 -8.32
N GLU A 54 -26.75 -6.60 -9.43
CA GLU A 54 -27.04 -5.15 -9.49
C GLU A 54 -28.29 -4.75 -8.67
N THR A 55 -29.35 -5.63 -8.65
CA THR A 55 -30.59 -5.42 -7.88
C THR A 55 -30.27 -5.59 -6.40
N TRP A 56 -29.46 -6.64 -6.05
CA TRP A 56 -28.97 -6.91 -4.69
C TRP A 56 -28.20 -5.68 -4.16
N LYS A 57 -27.39 -5.05 -5.00
CA LYS A 57 -26.63 -3.88 -4.60
C LYS A 57 -27.52 -2.64 -4.43
N SER A 58 -28.56 -2.50 -5.23
CA SER A 58 -29.54 -1.41 -5.07
C SER A 58 -30.30 -1.58 -3.73
N TYR A 59 -30.49 -2.85 -3.29
CA TYR A 59 -31.14 -3.17 -2.01
C TYR A 59 -30.21 -3.22 -0.81
N ILE A 60 -28.94 -2.85 -0.93
CA ILE A 60 -28.00 -2.87 0.23
C ILE A 60 -28.59 -2.08 1.39
N PRO A 61 -28.98 -0.79 1.26
CA PRO A 61 -29.54 -0.07 2.41
C PRO A 61 -30.70 -0.77 3.11
N GLN A 62 -31.70 -1.22 2.30
CA GLN A 62 -32.87 -1.93 2.77
C GLN A 62 -32.53 -3.29 3.37
N LEU A 63 -31.75 -4.13 2.66
CA LEU A 63 -31.34 -5.46 3.12
C LEU A 63 -30.63 -5.44 4.47
N GLN A 64 -29.84 -4.37 4.77
CA GLN A 64 -29.15 -4.20 6.06
C GLN A 64 -30.11 -4.12 7.24
N THR A 65 -31.21 -3.34 7.09
CA THR A 65 -32.27 -3.11 8.08
C THR A 65 -33.20 -4.33 8.17
N SER A 66 -33.57 -4.90 7.00
CA SER A 66 -34.42 -6.09 6.95
C SER A 66 -33.73 -7.29 7.61
N LEU A 67 -32.47 -7.58 7.22
CA LEU A 67 -31.69 -8.71 7.73
C LEU A 67 -30.92 -8.39 9.03
N ASN A 68 -30.91 -7.08 9.43
CA ASN A 68 -30.19 -6.50 10.58
C ASN A 68 -28.69 -6.87 10.56
N ILE A 69 -27.98 -6.45 9.48
CA ILE A 69 -26.55 -6.71 9.25
C ILE A 69 -25.88 -5.50 8.59
N SER A 70 -24.55 -5.33 8.75
CA SER A 70 -23.79 -4.33 8.04
C SER A 70 -23.26 -5.08 6.83
N ILE A 71 -23.49 -4.58 5.61
CA ILE A 71 -22.99 -5.32 4.48
C ILE A 71 -21.64 -4.71 4.12
N ILE A 72 -20.63 -5.58 4.00
CA ILE A 72 -19.27 -5.20 3.64
C ILE A 72 -19.21 -5.27 2.12
N SER A 73 -19.75 -6.36 1.54
CA SER A 73 -19.75 -6.59 0.10
C SER A 73 -20.79 -7.64 -0.30
N ILE A 74 -21.22 -7.57 -1.57
CA ILE A 74 -22.10 -8.53 -2.24
C ILE A 74 -21.36 -8.87 -3.52
N GLU A 75 -21.14 -10.17 -3.79
CA GLU A 75 -20.46 -10.63 -5.00
C GLU A 75 -21.04 -11.93 -5.55
N GLN A 76 -20.90 -12.13 -6.88
CA GLN A 76 -21.32 -13.34 -7.57
C GLN A 76 -20.36 -14.49 -7.24
N GLY A 77 -20.90 -15.70 -7.15
CA GLY A 77 -20.14 -16.91 -6.87
C GLY A 77 -19.95 -17.83 -8.07
N ALA A 78 -20.18 -19.14 -7.87
CA ALA A 78 -20.02 -20.20 -8.89
C ALA A 78 -20.88 -20.01 -10.12
N SER A 79 -22.11 -19.48 -9.96
CA SER A 79 -23.00 -19.24 -11.10
C SER A 79 -23.67 -17.87 -11.00
N LYS A 80 -24.37 -17.43 -12.08
CA LYS A 80 -25.09 -16.16 -12.03
C LYS A 80 -26.45 -16.32 -11.30
N ARG A 81 -26.57 -17.44 -10.55
CA ARG A 81 -27.72 -17.78 -9.70
C ARG A 81 -27.30 -17.79 -8.22
N ILE A 82 -26.01 -17.58 -7.93
CA ILE A 82 -25.53 -17.54 -6.55
C ILE A 82 -24.85 -16.20 -6.26
N VAL A 83 -25.18 -15.64 -5.08
CA VAL A 83 -24.59 -14.41 -4.56
C VAL A 83 -24.02 -14.68 -3.16
N ILE A 84 -22.92 -14.02 -2.84
CA ILE A 84 -22.24 -14.11 -1.55
C ILE A 84 -22.21 -12.72 -0.91
N ILE A 85 -22.71 -12.62 0.33
CA ILE A 85 -22.72 -11.40 1.11
C ILE A 85 -21.70 -11.53 2.24
N LYS A 86 -20.78 -10.55 2.34
CA LYS A 86 -19.85 -10.49 3.46
C LYS A 86 -20.46 -9.47 4.38
N SER A 87 -20.73 -9.87 5.61
CA SER A 87 -21.45 -9.01 6.50
C SER A 87 -21.06 -9.22 7.93
N MET A 88 -21.47 -8.28 8.78
CA MET A 88 -21.31 -8.34 10.23
C MET A 88 -22.69 -8.09 10.76
N ALA A 89 -23.07 -8.73 11.86
CA ALA A 89 -24.38 -8.52 12.50
C ALA A 89 -24.54 -7.05 12.90
N GLY A 90 -25.77 -6.57 12.90
CA GLY A 90 -26.08 -5.20 13.29
C GLY A 90 -25.83 -4.90 14.75
N ASP A 91 -25.73 -5.96 15.59
CA ASP A 91 -25.48 -5.84 17.03
C ASP A 91 -23.98 -5.92 17.37
N ALA A 92 -23.14 -6.17 16.34
CA ALA A 92 -21.68 -6.27 16.46
C ALA A 92 -21.11 -4.88 16.26
N LYS A 93 -21.38 -3.99 17.22
CA LYS A 93 -20.93 -2.60 17.11
C LYS A 93 -19.49 -2.38 17.67
N ILE A 94 -18.70 -1.69 16.83
CA ILE A 94 -17.36 -1.18 17.03
C ILE A 94 -17.36 0.20 16.37
N PRO A 95 -16.79 1.24 17.03
CA PRO A 95 -16.80 2.58 16.41
C PRO A 95 -16.07 2.61 15.08
N LYS A 96 -16.40 3.60 14.24
CA LYS A 96 -15.75 3.81 12.94
C LYS A 96 -14.67 4.89 13.12
N TYR A 97 -14.67 5.53 14.29
CA TYR A 97 -13.73 6.57 14.69
C TYR A 97 -13.59 6.56 16.22
N LEU A 98 -12.36 6.42 16.69
CA LEU A 98 -12.07 6.32 18.10
C LEU A 98 -10.77 7.09 18.38
N PRO A 99 -10.84 8.35 18.86
CA PRO A 99 -9.59 9.08 19.14
C PRO A 99 -8.92 8.61 20.42
N TRP A 100 -7.60 8.77 20.50
CA TRP A 100 -6.80 8.40 21.65
C TRP A 100 -7.12 9.34 22.79
N ASP A 101 -7.08 8.84 24.03
CA ASP A 101 -7.27 9.64 25.21
C ASP A 101 -6.32 9.09 26.28
N ASP A 102 -5.62 9.98 26.98
CA ASP A 102 -4.68 9.60 28.04
C ASP A 102 -5.35 8.79 29.19
N LYS A 103 -6.68 8.71 29.16
CA LYS A 103 -7.47 7.94 30.12
C LYS A 103 -7.36 6.43 29.93
N TYR A 104 -6.98 5.97 28.71
CA TYR A 104 -6.85 4.54 28.38
C TYR A 104 -5.54 3.95 28.89
N ILE A 105 -4.58 4.80 29.33
CA ILE A 105 -3.28 4.34 29.82
C ILE A 105 -3.45 3.46 31.09
N GLU A 106 -2.97 2.21 31.02
CA GLU A 106 -3.04 1.23 32.11
C GLU A 106 -1.98 1.53 33.16
N GLU A 107 -2.35 1.44 34.44
CA GLU A 107 -1.40 1.67 35.54
C GLU A 107 -0.31 0.58 35.60
N GLN A 108 -0.65 -0.66 35.18
CA GLN A 108 0.30 -1.79 35.19
C GLN A 108 1.39 -1.59 34.14
N GLU A 109 2.63 -1.50 34.61
CA GLU A 109 3.82 -1.34 33.78
C GLU A 109 3.88 -2.50 32.76
N GLY A 110 4.03 -2.14 31.48
CA GLY A 110 4.15 -3.09 30.38
C GLY A 110 2.86 -3.28 29.61
N VAL A 111 1.73 -2.86 30.17
CA VAL A 111 0.43 -3.04 29.51
C VAL A 111 0.09 -1.88 28.60
N VAL A 112 -0.29 -2.22 27.37
CA VAL A 112 -0.74 -1.19 26.40
C VAL A 112 -2.15 -1.50 25.84
N VAL A 113 -2.89 -0.45 25.45
CA VAL A 113 -4.21 -0.56 24.86
C VAL A 113 -4.13 -0.02 23.42
N VAL A 114 -4.51 -0.83 22.43
CA VAL A 114 -4.38 -0.41 21.04
C VAL A 114 -5.69 0.01 20.38
N GLY A 115 -6.81 -0.34 21.02
CA GLY A 115 -8.13 -0.01 20.49
C GLY A 115 -9.29 -0.78 21.07
N GLN A 116 -10.43 -0.69 20.40
CA GLN A 116 -11.67 -1.28 20.88
C GLN A 116 -12.20 -2.39 20.03
N THR A 117 -12.54 -3.49 20.66
CA THR A 117 -13.21 -4.59 19.95
C THR A 117 -14.72 -4.56 20.33
N PHE A 118 -15.46 -5.64 20.01
CA PHE A 118 -16.89 -5.77 20.23
C PHE A 118 -17.32 -5.57 21.68
N SER A 119 -16.53 -6.11 22.62
CA SER A 119 -16.77 -5.96 24.05
C SER A 119 -15.44 -5.72 24.76
N GLY A 120 -15.09 -4.45 24.93
CA GLY A 120 -13.86 -4.07 25.60
C GLY A 120 -12.72 -3.71 24.69
N ASN A 121 -11.60 -3.39 25.30
CA ASN A 121 -10.40 -2.98 24.61
C ASN A 121 -9.41 -4.09 24.38
N ILE A 122 -8.55 -3.93 23.36
CA ILE A 122 -7.49 -4.89 23.07
C ILE A 122 -6.32 -4.44 23.93
N LYS A 123 -5.95 -5.24 24.91
CA LYS A 123 -4.82 -4.96 25.79
C LYS A 123 -3.72 -5.93 25.48
N ILE A 124 -2.51 -5.42 25.37
CA ILE A 124 -1.32 -6.24 25.18
C ILE A 124 -0.42 -6.07 26.42
N ASP A 125 -0.07 -7.19 27.08
CA ASP A 125 0.86 -7.18 28.22
C ASP A 125 2.24 -7.59 27.64
N LEU A 126 3.14 -6.59 27.54
CA LEU A 126 4.47 -6.81 26.97
C LEU A 126 5.37 -7.73 27.80
N ASN A 127 5.03 -8.00 29.06
CA ASN A 127 5.73 -8.97 29.89
C ASN A 127 5.37 -10.38 29.47
N LYS A 128 4.20 -10.56 28.79
CA LYS A 128 3.70 -11.86 28.28
C LYS A 128 3.94 -12.01 26.79
N SER A 129 3.62 -10.96 25.98
CA SER A 129 3.71 -10.94 24.52
C SER A 129 4.71 -9.82 24.17
N PRO A 130 6.03 -10.14 24.11
CA PRO A 130 7.05 -9.07 24.07
C PRO A 130 7.25 -8.25 22.80
N HIS A 131 6.75 -8.72 21.63
CA HIS A 131 6.96 -8.01 20.35
C HIS A 131 5.69 -7.92 19.57
N ILE A 132 5.57 -6.84 18.80
CA ILE A 132 4.39 -6.50 18.03
C ILE A 132 4.82 -6.22 16.62
N LEU A 133 4.03 -6.73 15.67
CA LEU A 133 4.19 -6.55 14.23
C LEU A 133 2.91 -5.88 13.76
N SER A 134 3.06 -4.72 13.11
CA SER A 134 1.95 -3.96 12.60
C SER A 134 2.05 -3.89 11.06
N ALA A 135 1.10 -4.53 10.38
CA ALA A 135 1.10 -4.57 8.92
C ALA A 135 -0.04 -3.80 8.35
N GLY A 136 0.27 -3.02 7.34
CA GLY A 136 -0.74 -2.23 6.64
C GLY A 136 -0.11 -1.41 5.54
N GLU A 137 -0.88 -1.22 4.45
CA GLU A 137 -0.56 -0.41 3.27
C GLU A 137 -0.53 1.08 3.61
N THR A 138 -0.14 1.94 2.63
CA THR A 138 -0.16 3.39 2.80
C THR A 138 -1.56 3.86 3.13
N GLY A 139 -1.65 4.75 4.12
CA GLY A 139 -2.91 5.37 4.56
C GLY A 139 -3.78 4.52 5.46
N SER A 140 -3.29 3.34 5.88
CA SER A 140 -4.07 2.47 6.76
C SER A 140 -4.08 2.96 8.22
N GLY A 141 -2.98 3.52 8.69
CA GLY A 141 -2.83 3.96 10.06
C GLY A 141 -2.10 2.94 10.90
N LYS A 142 -1.30 2.05 10.25
CA LYS A 142 -0.53 1.01 10.92
C LYS A 142 0.65 1.58 11.74
N SER A 143 1.10 2.80 11.44
CA SER A 143 2.19 3.47 12.15
C SER A 143 1.65 4.29 13.28
N VAL A 144 0.36 4.71 13.20
CA VAL A 144 -0.34 5.48 14.23
C VAL A 144 -0.38 4.55 15.48
N ILE A 145 -0.65 3.25 15.27
CA ILE A 145 -0.69 2.21 16.32
C ILE A 145 0.66 2.11 17.04
N LEU A 146 1.75 2.08 16.29
CA LEU A 146 3.08 2.01 16.88
C LEU A 146 3.42 3.26 17.69
N ARG A 147 3.08 4.44 17.19
CA ARG A 147 3.30 5.69 17.91
C ARG A 147 2.41 5.79 19.17
N CYS A 148 1.22 5.16 19.14
CA CYS A 148 0.27 5.11 20.24
C CYS A 148 0.87 4.29 21.40
N ILE A 149 1.37 3.09 21.07
CA ILE A 149 2.04 2.10 21.93
C ILE A 149 3.26 2.77 22.53
N LEU A 150 4.05 3.41 21.67
CA LEU A 150 5.24 4.17 22.04
C LEU A 150 4.86 5.23 23.09
N TRP A 151 3.77 5.98 22.85
CA TRP A 151 3.32 7.03 23.78
C TRP A 151 3.04 6.46 25.16
N GLN A 152 2.27 5.37 25.20
CA GLN A 152 1.90 4.70 26.45
C GLN A 152 3.14 4.23 27.22
N LEU A 153 4.09 3.59 26.50
CA LEU A 153 5.33 3.13 27.12
C LEU A 153 6.20 4.28 27.62
N LEU A 154 6.31 5.37 26.83
CA LEU A 154 7.02 6.57 27.24
C LEU A 154 6.38 7.15 28.53
N LYS A 155 5.03 7.16 28.60
CA LYS A 155 4.28 7.67 29.77
C LYS A 155 4.58 6.81 31.01
N GLN A 156 4.92 5.53 30.83
CA GLN A 156 5.28 4.57 31.90
C GLN A 156 6.79 4.62 32.21
N GLY A 157 7.53 5.55 31.58
CA GLY A 157 8.96 5.74 31.85
C GLY A 157 9.93 4.89 31.06
N ALA A 158 9.52 4.35 29.90
CA ALA A 158 10.43 3.56 29.08
C ALA A 158 11.44 4.47 28.32
N ILE A 159 12.63 3.91 28.01
CA ILE A 159 13.68 4.49 27.16
C ILE A 159 13.27 4.06 25.73
N ALA A 160 13.29 4.98 24.76
CA ALA A 160 12.88 4.68 23.40
C ALA A 160 13.93 4.90 22.31
N TYR A 161 13.92 3.99 21.30
CA TYR A 161 14.72 4.07 20.09
C TYR A 161 13.80 3.92 18.92
N MET A 162 13.94 4.81 17.93
CA MET A 162 13.05 4.84 16.77
C MET A 162 13.88 4.70 15.48
N VAL A 163 13.58 3.70 14.67
CA VAL A 163 14.29 3.43 13.42
C VAL A 163 13.44 3.80 12.22
N ASP A 164 13.92 4.80 11.44
CA ASP A 164 13.31 5.27 10.19
C ASP A 164 14.38 5.81 9.25
N PHE A 165 14.72 5.02 8.24
CA PHE A 165 15.74 5.37 7.25
C PHE A 165 15.29 6.43 6.26
N LYS A 166 14.00 6.83 6.28
CA LYS A 166 13.47 7.90 5.43
C LYS A 166 13.80 9.28 5.99
N GLY A 167 14.95 9.39 6.62
CA GLY A 167 15.41 10.63 7.24
C GLY A 167 14.66 11.05 8.48
N GLY A 168 13.90 10.13 9.08
CA GLY A 168 13.15 10.41 10.29
C GLY A 168 11.98 11.33 10.07
N VAL A 169 11.23 11.12 8.97
CA VAL A 169 10.04 11.93 8.70
C VAL A 169 8.85 11.42 9.52
N GLU A 170 8.79 10.08 9.71
CA GLU A 170 7.76 9.37 10.46
C GLU A 170 7.88 9.63 11.95
N PHE A 171 9.00 10.25 12.41
CA PHE A 171 9.35 10.63 13.78
C PHE A 171 10.23 11.88 13.75
N GLY A 172 9.63 13.06 13.63
CA GLY A 172 10.39 14.30 13.53
C GLY A 172 11.19 14.72 14.75
N LEU A 173 11.48 16.02 14.80
CA LEU A 173 12.19 16.74 15.84
C LEU A 173 11.57 16.59 17.25
N GLU A 174 10.23 16.45 17.34
CA GLU A 174 9.59 16.29 18.65
C GLU A 174 9.91 14.95 19.29
N TYR A 175 10.03 13.89 18.46
CA TYR A 175 10.38 12.55 18.92
C TYR A 175 11.81 12.44 19.42
N GLU A 176 12.72 13.28 18.90
CA GLU A 176 14.14 13.37 19.31
C GLU A 176 14.32 13.89 20.76
N LYS A 177 13.29 14.56 21.31
CA LYS A 177 13.31 15.07 22.70
C LYS A 177 13.11 13.92 23.68
N VAL A 178 12.46 12.84 23.23
CA VAL A 178 12.14 11.70 24.10
C VAL A 178 13.03 10.50 23.85
N GLY A 179 13.66 10.44 22.68
CA GLY A 179 14.51 9.31 22.37
C GLY A 179 15.42 9.54 21.19
N GLN A 180 16.11 8.49 20.79
CA GLN A 180 17.05 8.53 19.71
C GLN A 180 16.35 8.13 18.45
N VAL A 181 16.46 8.96 17.42
CA VAL A 181 15.91 8.64 16.12
C VAL A 181 17.08 8.19 15.25
N ILE A 182 17.04 6.96 14.80
CA ILE A 182 18.05 6.33 13.94
C ILE A 182 17.61 6.46 12.47
N THR A 183 18.44 7.06 11.65
CA THR A 183 18.08 7.32 10.25
C THR A 183 19.05 6.74 9.21
N GLU A 184 20.15 6.12 9.68
CA GLU A 184 21.18 5.55 8.82
C GLU A 184 21.56 4.11 9.25
N VAL A 185 22.03 3.31 8.29
CA VAL A 185 22.41 1.90 8.53
C VAL A 185 23.56 1.76 9.56
N ASP A 186 24.54 2.69 9.55
CA ASP A 186 25.63 2.65 10.51
C ASP A 186 25.12 2.79 11.95
N ALA A 187 24.25 3.80 12.17
CA ALA A 187 23.65 4.10 13.47
C ALA A 187 22.75 2.91 13.90
N ALA A 188 22.07 2.25 12.94
CA ALA A 188 21.21 1.11 13.22
C ALA A 188 22.06 -0.08 13.65
N GLU A 189 23.18 -0.34 12.95
CA GLU A 189 24.11 -1.41 13.28
C GLU A 189 24.67 -1.23 14.68
N LYS A 190 25.14 -0.01 15.01
CA LYS A 190 25.64 0.31 16.33
C LYS A 190 24.50 0.14 17.39
N LEU A 191 23.27 0.60 17.09
CA LEU A 191 22.10 0.46 17.97
C LEU A 191 21.77 -1.02 18.31
N PHE A 192 21.55 -1.81 17.27
CA PHE A 192 21.16 -3.20 17.38
C PHE A 192 22.25 -4.05 18.04
N LYS A 193 23.53 -3.75 17.78
CA LYS A 193 24.65 -4.40 18.43
C LYS A 193 24.53 -4.08 19.94
N TYR A 194 24.33 -2.80 20.28
CA TYR A 194 24.15 -2.38 21.66
C TYR A 194 22.95 -3.09 22.32
N LEU A 195 21.83 -3.29 21.56
CA LEU A 195 20.61 -3.90 22.09
C LEU A 195 20.78 -5.36 22.41
N VAL A 196 21.48 -6.09 21.53
CA VAL A 196 21.79 -7.51 21.72
C VAL A 196 22.70 -7.62 22.97
N ASP A 197 23.70 -6.72 23.07
CA ASP A 197 24.61 -6.69 24.23
C ASP A 197 23.90 -6.35 25.54
N GLU A 198 22.97 -5.37 25.51
CA GLU A 198 22.20 -4.98 26.69
C GLU A 198 21.34 -6.16 27.16
N ASN A 199 20.65 -6.79 26.21
CA ASN A 199 19.82 -7.96 26.41
C ASN A 199 20.64 -9.06 27.07
N ALA A 200 21.84 -9.37 26.52
CA ALA A 200 22.75 -10.37 27.08
C ALA A 200 23.14 -10.01 28.52
N LYS A 201 23.41 -8.71 28.82
CA LYS A 201 23.73 -8.27 30.20
C LYS A 201 22.52 -8.47 31.12
N ARG A 202 21.30 -8.30 30.58
CA ARG A 202 20.07 -8.43 31.34
C ARG A 202 19.79 -9.88 31.68
N LEU A 203 20.03 -10.78 30.72
CA LEU A 203 19.90 -12.22 30.90
C LEU A 203 20.86 -12.71 31.96
N LYS A 204 22.12 -12.21 31.96
CA LYS A 204 23.02 -12.70 32.98
C LYS A 204 22.60 -12.16 34.37
N LEU A 205 22.11 -10.91 34.45
CA LEU A 205 21.60 -10.40 35.73
C LEU A 205 20.50 -11.30 36.26
N LEU A 206 19.55 -11.73 35.38
CA LEU A 206 18.45 -12.63 35.73
C LEU A 206 18.94 -13.97 36.28
N ARG A 207 19.89 -14.62 35.56
CA ARG A 207 20.50 -15.91 35.92
C ARG A 207 21.20 -15.82 37.26
N GLU A 208 22.00 -14.76 37.46
CA GLU A 208 22.78 -14.50 38.68
C GLU A 208 21.97 -14.25 39.91
N SER A 209 20.85 -13.52 39.76
CA SER A 209 19.96 -13.11 40.86
C SER A 209 18.82 -14.09 41.13
N GLY A 210 18.64 -15.05 40.22
CA GLY A 210 17.57 -16.03 40.32
C GLY A 210 16.21 -15.43 40.05
N SER A 211 16.15 -14.38 39.17
CA SER A 211 14.91 -13.67 38.80
C SER A 211 14.34 -14.28 37.52
N LYS A 212 12.99 -14.30 37.39
CA LYS A 212 12.36 -14.84 36.19
C LYS A 212 12.33 -13.76 35.10
N ASN A 213 12.14 -12.48 35.53
CA ASN A 213 12.04 -11.30 34.66
C ASN A 213 12.66 -10.05 35.28
N ILE A 214 12.68 -8.92 34.57
CA ILE A 214 13.33 -7.70 35.08
C ILE A 214 12.57 -7.14 36.25
N GLY A 215 11.24 -7.37 36.28
CA GLY A 215 10.34 -6.93 37.35
C GLY A 215 10.77 -7.49 38.68
N GLU A 216 11.16 -8.77 38.70
CA GLU A 216 11.64 -9.49 39.90
C GLU A 216 13.04 -9.00 40.31
N TYR A 217 13.95 -8.86 39.34
CA TYR A 217 15.31 -8.36 39.56
C TYR A 217 15.24 -6.96 40.16
N ASN A 218 14.35 -6.09 39.63
CA ASN A 218 14.21 -4.71 40.09
C ASN A 218 13.77 -4.62 41.56
N LYS A 219 13.02 -5.62 42.04
CA LYS A 219 12.60 -5.74 43.44
C LYS A 219 13.83 -5.98 44.35
N LYS A 220 14.83 -6.68 43.85
CA LYS A 220 15.99 -7.01 44.63
C LYS A 220 17.05 -5.88 44.76
N PHE A 221 17.08 -4.94 43.78
CA PHE A 221 18.07 -3.86 43.76
C PHE A 221 17.45 -2.46 43.80
N GLU A 222 17.44 -1.85 45.00
CA GLU A 222 16.85 -0.55 45.34
C GLU A 222 17.25 0.64 44.44
N GLY A 223 18.52 0.74 44.02
CA GLY A 223 18.94 1.86 43.17
C GLY A 223 19.42 1.54 41.77
N GLU A 224 19.45 0.24 41.38
CA GLU A 224 19.94 -0.21 40.07
C GLU A 224 18.83 -0.70 39.14
N GLU A 225 17.68 0.02 39.11
CA GLU A 225 16.53 -0.40 38.31
C GLU A 225 16.72 -0.30 36.79
N LEU A 226 16.50 -1.45 36.11
CA LEU A 226 16.54 -1.54 34.67
C LEU A 226 15.24 -0.94 34.11
N LYS A 227 15.36 -0.12 33.08
CA LYS A 227 14.20 0.50 32.48
C LYS A 227 13.78 -0.31 31.26
N ARG A 228 12.48 -0.34 30.95
CA ARG A 228 12.00 -1.00 29.73
C ARG A 228 12.56 -0.22 28.52
N ILE A 229 13.05 -0.95 27.54
CA ILE A 229 13.54 -0.35 26.30
C ILE A 229 12.54 -0.66 25.19
N ILE A 230 11.98 0.37 24.59
CA ILE A 230 11.05 0.23 23.47
C ILE A 230 11.76 0.62 22.16
N VAL A 231 11.76 -0.30 21.19
CA VAL A 231 12.39 -0.12 19.86
C VAL A 231 11.32 -0.12 18.76
N VAL A 232 11.14 1.02 18.11
CA VAL A 232 10.14 1.14 17.06
C VAL A 232 10.83 1.12 15.72
N ILE A 233 10.59 0.09 14.94
CA ILE A 233 11.14 -0.06 13.61
C ILE A 233 10.00 0.34 12.69
N ASP A 234 10.13 1.49 12.05
CA ASP A 234 9.09 2.02 11.19
C ASP A 234 8.82 1.12 9.97
N GLU A 235 9.88 0.61 9.34
CA GLU A 235 9.72 -0.26 8.17
C GLU A 235 10.71 -1.40 8.16
N LEU A 236 10.18 -2.60 8.39
CA LEU A 236 10.97 -3.82 8.44
C LEU A 236 11.77 -4.07 7.15
N ALA A 237 11.18 -3.72 5.96
CA ALA A 237 11.86 -3.94 4.66
C ALA A 237 13.19 -3.15 4.53
N GLU A 238 13.30 -1.98 5.17
CA GLU A 238 14.52 -1.17 5.19
C GLU A 238 15.71 -1.94 5.82
N LEU A 239 15.43 -2.91 6.73
CA LEU A 239 16.41 -3.74 7.43
C LEU A 239 16.61 -5.10 6.71
N MET A 240 15.51 -5.72 6.25
CA MET A 240 15.45 -7.03 5.58
C MET A 240 15.79 -7.07 4.05
N ASP A 241 15.41 -6.05 3.25
CA ASP A 241 15.74 -6.05 1.82
C ASP A 241 17.17 -5.52 1.60
N LYS A 242 18.08 -6.42 1.17
CA LYS A 242 19.50 -6.13 0.93
C LYS A 242 19.78 -5.76 -0.56
N THR A 243 18.76 -5.75 -1.44
CA THR A 243 19.00 -5.49 -2.88
C THR A 243 19.26 -4.00 -3.23
N GLY A 244 20.12 -3.78 -4.21
CA GLY A 244 20.51 -2.45 -4.68
C GLY A 244 21.40 -1.62 -3.77
N VAL A 245 22.11 -2.28 -2.84
CA VAL A 245 23.03 -1.61 -1.93
C VAL A 245 24.43 -2.12 -2.18
N ASP A 246 25.48 -1.38 -1.77
CA ASP A 246 26.86 -1.83 -1.98
C ASP A 246 27.26 -2.99 -1.04
N ASP A 247 28.44 -3.58 -1.24
CA ASP A 247 29.01 -4.68 -0.44
C ASP A 247 29.01 -4.38 1.07
N GLU A 248 29.51 -3.19 1.44
CA GLU A 248 29.62 -2.69 2.81
C GLU A 248 28.25 -2.61 3.49
N THR A 249 27.28 -1.92 2.84
CA THR A 249 25.90 -1.76 3.33
C THR A 249 25.15 -3.10 3.47
N ARG A 250 25.32 -4.01 2.50
CA ARG A 250 24.69 -5.33 2.51
C ARG A 250 25.19 -6.12 3.74
N ALA A 251 26.51 -6.08 4.01
CA ALA A 251 27.11 -6.70 5.19
C ALA A 251 26.55 -6.08 6.49
N LYS A 252 26.30 -4.75 6.48
CA LYS A 252 25.69 -4.09 7.65
C LYS A 252 24.28 -4.62 7.86
N LEU A 253 23.52 -4.81 6.76
CA LEU A 253 22.16 -5.30 6.84
C LEU A 253 22.10 -6.79 7.22
N VAL A 254 23.12 -7.59 6.79
CA VAL A 254 23.24 -9.02 7.13
C VAL A 254 23.30 -9.15 8.68
N ARG A 255 24.23 -8.39 9.30
CA ARG A 255 24.49 -8.27 10.72
C ARG A 255 23.24 -7.74 11.48
N ILE A 256 22.58 -6.65 10.99
CA ILE A 256 21.32 -6.12 11.61
C ILE A 256 20.21 -7.22 11.63
N GLU A 257 20.10 -8.01 10.54
CA GLU A 257 19.13 -9.10 10.47
C GLU A 257 19.38 -10.14 11.59
N GLY A 258 20.65 -10.44 11.87
CA GLY A 258 21.05 -11.36 12.92
C GLY A 258 20.76 -10.79 14.31
N TYR A 259 21.07 -9.51 14.54
CA TYR A 259 20.79 -8.88 15.82
C TYR A 259 19.29 -8.91 16.11
N THR A 260 18.46 -8.59 15.08
CA THR A 260 17.00 -8.55 15.22
C THR A 260 16.44 -9.94 15.55
N SER A 261 16.93 -10.99 14.88
CA SER A 261 16.56 -12.39 15.12
C SER A 261 16.85 -12.76 16.55
N THR A 262 18.10 -12.51 17.01
CA THR A 262 18.57 -12.71 18.38
C THR A 262 17.66 -11.98 19.37
N LEU A 263 17.36 -10.70 19.14
CA LEU A 263 16.51 -9.93 20.04
C LEU A 263 15.13 -10.49 20.11
N ALA A 264 14.47 -10.68 18.96
CA ALA A 264 13.12 -11.25 18.94
C ALA A 264 13.03 -12.59 19.72
N ARG A 265 14.05 -13.44 19.57
CA ARG A 265 14.10 -14.75 20.24
C ARG A 265 14.44 -14.70 21.73
N LEU A 266 15.45 -13.93 22.11
CA LEU A 266 15.98 -13.89 23.47
C LEU A 266 15.42 -12.78 24.36
N SER A 267 14.93 -11.66 23.79
CA SER A 267 14.39 -10.60 24.65
C SER A 267 12.93 -10.89 24.92
N ARG A 268 12.69 -11.70 25.97
CA ARG A 268 11.36 -12.12 26.42
C ARG A 268 11.06 -11.65 27.88
N ALA A 269 12.05 -11.79 28.78
CA ALA A 269 11.93 -11.48 30.22
C ALA A 269 12.80 -10.28 30.65
N THR A 270 13.51 -9.68 29.68
CA THR A 270 14.48 -8.61 29.84
C THR A 270 13.94 -7.18 29.65
N GLY A 271 12.68 -7.05 29.22
CA GLY A 271 12.05 -5.76 28.99
C GLY A 271 12.62 -4.97 27.82
N ILE A 272 12.95 -5.66 26.70
CA ILE A 272 13.42 -5.01 25.46
C ILE A 272 12.42 -5.43 24.37
N ASN A 273 11.48 -4.54 24.07
CA ASN A 273 10.35 -4.75 23.17
C ASN A 273 10.55 -4.16 21.81
N LEU A 274 10.20 -4.93 20.78
CA LEU A 274 10.30 -4.56 19.38
C LEU A 274 8.91 -4.33 18.83
N CYS A 275 8.69 -3.14 18.27
CA CYS A 275 7.46 -2.77 17.59
C CYS A 275 7.82 -2.49 16.18
N ILE A 276 7.47 -3.42 15.31
CA ILE A 276 7.86 -3.41 13.90
C ILE A 276 6.74 -3.06 12.96
N GLY A 277 7.00 -2.10 12.07
CA GLY A 277 6.06 -1.70 11.02
C GLY A 277 6.38 -2.38 9.70
N VAL A 278 5.35 -2.84 8.95
CA VAL A 278 5.52 -3.42 7.61
C VAL A 278 4.42 -2.86 6.70
N GLN A 279 4.79 -2.42 5.50
CA GLN A 279 3.83 -1.90 4.52
C GLN A 279 3.43 -2.98 3.53
N ARG A 280 4.43 -3.73 3.04
CA ARG A 280 4.31 -4.76 2.03
C ARG A 280 4.74 -6.14 2.54
N PRO A 281 3.75 -6.96 2.92
CA PRO A 281 4.04 -8.34 3.35
C PRO A 281 4.76 -9.16 2.28
N ASP A 282 5.96 -9.60 2.60
CA ASP A 282 6.82 -10.39 1.74
C ASP A 282 7.53 -11.41 2.64
N ALA A 283 7.60 -12.69 2.22
CA ALA A 283 8.25 -13.72 3.03
C ALA A 283 9.75 -13.49 3.17
N LYS A 284 10.33 -12.62 2.32
CA LYS A 284 11.74 -12.24 2.37
C LYS A 284 11.93 -11.13 3.45
N VAL A 285 10.83 -10.51 3.90
CA VAL A 285 10.83 -9.44 4.90
C VAL A 285 10.26 -10.00 6.18
N ILE A 286 8.99 -10.47 6.16
CA ILE A 286 8.33 -11.10 7.30
C ILE A 286 8.70 -12.59 7.24
N THR A 287 9.93 -12.83 7.69
CA THR A 287 10.69 -14.08 7.72
C THR A 287 10.11 -15.07 8.78
N GLY A 288 10.38 -16.37 8.57
CA GLY A 288 9.98 -17.48 9.44
C GLY A 288 10.41 -17.24 10.88
N GLN A 289 11.69 -16.78 11.05
CA GLN A 289 12.30 -16.42 12.31
C GLN A 289 11.56 -15.26 12.96
N ILE A 290 11.21 -14.19 12.17
CA ILE A 290 10.48 -13.04 12.70
C ILE A 290 9.09 -13.54 13.17
N LYS A 291 8.29 -14.14 12.28
CA LYS A 291 6.96 -14.68 12.59
C LYS A 291 6.96 -15.57 13.80
N ASN A 292 7.93 -16.50 13.90
CA ASN A 292 7.98 -17.42 15.03
C ASN A 292 8.29 -16.75 16.36
N ASN A 293 8.87 -15.53 16.33
CA ASN A 293 9.25 -14.86 17.57
C ASN A 293 8.52 -13.56 17.89
N VAL A 294 7.65 -13.10 17.01
CA VAL A 294 6.88 -11.92 17.35
C VAL A 294 5.41 -12.37 17.42
N PRO A 295 4.94 -12.58 18.68
CA PRO A 295 3.59 -13.16 18.88
C PRO A 295 2.42 -12.29 18.43
N VAL A 296 2.51 -10.95 18.59
CA VAL A 296 1.40 -10.06 18.27
C VAL A 296 1.47 -9.58 16.82
N ARG A 297 0.33 -9.71 16.14
CA ARG A 297 0.15 -9.25 14.76
C ARG A 297 -1.06 -8.36 14.69
N ILE A 298 -0.85 -7.15 14.24
CA ILE A 298 -1.87 -6.16 13.98
C ILE A 298 -1.87 -5.99 12.45
N CYS A 299 -3.05 -6.21 11.82
CA CYS A 299 -3.11 -6.24 10.36
C CYS A 299 -4.25 -5.43 9.80
N GLY A 300 -3.91 -4.49 8.92
CA GLY A 300 -4.85 -3.69 8.18
C GLY A 300 -5.44 -4.48 7.01
N ARG A 301 -6.35 -3.85 6.25
CA ARG A 301 -6.98 -4.53 5.13
C ARG A 301 -6.02 -4.70 3.96
N PHE A 302 -5.86 -5.95 3.48
CA PHE A 302 -5.08 -6.27 2.29
C PHE A 302 -6.01 -6.87 1.23
N ALA A 303 -5.80 -6.52 -0.04
CA ALA A 303 -6.63 -7.05 -1.12
C ALA A 303 -6.19 -8.47 -1.51
N ASP A 304 -4.91 -8.81 -1.31
CA ASP A 304 -4.40 -10.13 -1.65
C ASP A 304 -4.29 -11.03 -0.44
N SER A 305 -5.02 -12.17 -0.45
CA SER A 305 -5.01 -13.16 0.63
C SER A 305 -3.59 -13.74 0.92
N LYS A 306 -2.65 -13.58 -0.03
CA LYS A 306 -1.25 -14.00 0.08
C LYS A 306 -0.57 -13.10 1.10
N ALA A 307 -0.78 -11.75 0.98
CA ALA A 307 -0.25 -10.74 1.89
C ALA A 307 -0.71 -11.01 3.33
N SER A 308 -2.03 -11.30 3.51
CA SER A 308 -2.63 -11.66 4.80
C SER A 308 -2.04 -12.96 5.33
N GLU A 309 -1.84 -13.97 4.47
CA GLU A 309 -1.25 -15.24 4.94
C GLU A 309 0.21 -15.10 5.42
N ILE A 310 0.99 -14.17 4.84
CA ILE A 310 2.37 -13.89 5.28
C ILE A 310 2.34 -13.30 6.73
N VAL A 311 1.33 -12.43 7.01
CA VAL A 311 1.20 -11.73 8.30
C VAL A 311 0.49 -12.58 9.37
N LEU A 312 -0.64 -13.13 9.02
CA LEU A 312 -1.52 -13.81 9.96
C LEU A 312 -1.62 -15.31 9.87
N SER A 313 -1.09 -15.95 8.81
CA SER A 313 -1.25 -17.39 8.56
C SER A 313 -2.75 -17.72 8.41
N ASN A 314 -3.48 -16.80 7.74
CA ASN A 314 -4.88 -16.86 7.38
C ASN A 314 -5.19 -15.72 6.37
N THR A 315 -6.35 -15.79 5.74
CA THR A 315 -6.79 -14.86 4.69
C THR A 315 -7.79 -13.81 5.19
N LYS A 316 -8.06 -13.76 6.51
CA LYS A 316 -9.07 -12.86 7.08
C LYS A 316 -8.86 -11.36 6.80
N ALA A 317 -7.61 -10.87 6.66
CA ALA A 317 -7.38 -9.44 6.40
C ALA A 317 -7.98 -8.92 5.08
N LYS A 318 -8.31 -9.83 4.12
CA LYS A 318 -8.97 -9.45 2.85
C LYS A 318 -10.47 -9.24 3.00
N ASP A 319 -11.01 -9.62 4.17
CA ASP A 319 -12.43 -9.54 4.50
C ASP A 319 -12.80 -8.32 5.36
N LEU A 320 -11.80 -7.54 5.81
CA LEU A 320 -12.01 -6.38 6.67
C LEU A 320 -12.89 -5.28 6.04
N PRO A 321 -13.73 -4.56 6.80
CA PRO A 321 -14.46 -3.41 6.23
C PRO A 321 -13.48 -2.31 5.77
N GLU A 322 -13.91 -1.42 4.86
CA GLU A 322 -13.09 -0.34 4.31
C GLU A 322 -13.14 0.94 5.16
N VAL A 323 -13.13 0.77 6.48
CA VAL A 323 -13.16 1.83 7.50
C VAL A 323 -11.72 2.11 7.91
N LYS A 324 -11.29 3.39 7.84
CA LYS A 324 -9.94 3.77 8.27
C LYS A 324 -9.79 3.60 9.78
N GLY A 325 -8.74 2.88 10.16
CA GLY A 325 -8.42 2.56 11.55
C GLY A 325 -8.90 1.19 11.98
N ARG A 326 -9.58 0.45 11.07
CA ARG A 326 -10.09 -0.88 11.34
C ARG A 326 -9.04 -1.92 11.04
N PHE A 327 -8.72 -2.73 12.05
CA PHE A 327 -7.65 -3.70 11.96
C PHE A 327 -8.04 -5.03 12.53
N LEU A 328 -7.17 -6.02 12.27
CA LEU A 328 -7.27 -7.33 12.86
C LEU A 328 -6.13 -7.48 13.87
N PHE A 329 -6.43 -8.19 14.96
CA PHE A 329 -5.52 -8.46 16.05
C PHE A 329 -5.35 -9.93 16.20
N LYS A 330 -4.11 -10.40 16.14
CA LYS A 330 -3.81 -11.81 16.32
C LYS A 330 -2.78 -12.07 17.41
N LEU A 331 -3.13 -12.95 18.34
CA LEU A 331 -2.26 -13.43 19.43
C LEU A 331 -2.68 -14.86 19.65
N GLY A 332 -1.79 -15.80 19.33
CA GLY A 332 -2.09 -17.22 19.41
C GLY A 332 -3.23 -17.57 18.46
N ALA A 333 -4.28 -18.21 19.00
CA ALA A 333 -5.50 -18.63 18.27
C ALA A 333 -6.40 -17.49 17.88
N ASP A 334 -6.24 -16.31 18.43
CA ASP A 334 -7.14 -15.20 18.18
C ASP A 334 -6.84 -14.36 16.95
N THR A 335 -7.86 -14.10 16.12
CA THR A 335 -7.86 -13.14 15.00
C THR A 335 -9.14 -12.36 15.24
N VAL A 336 -9.01 -11.18 15.86
CA VAL A 336 -10.10 -10.33 16.34
C VAL A 336 -10.18 -8.99 15.60
N GLN A 337 -11.40 -8.55 15.25
CA GLN A 337 -11.56 -7.25 14.60
C GLN A 337 -11.59 -6.16 15.70
N PHE A 338 -10.88 -5.02 15.46
CA PHE A 338 -10.86 -3.90 16.40
C PHE A 338 -10.65 -2.57 15.70
N GLN A 339 -11.14 -1.50 16.32
CA GLN A 339 -10.97 -0.16 15.84
C GLN A 339 -9.83 0.49 16.62
N ALA A 340 -8.69 0.69 15.96
CA ALA A 340 -7.50 1.29 16.55
C ALA A 340 -7.75 2.71 17.00
N PHE A 341 -7.18 3.12 18.14
CA PHE A 341 -7.25 4.49 18.61
C PHE A 341 -6.53 5.33 17.61
N TYR A 342 -7.06 6.52 17.40
CA TYR A 342 -6.41 7.43 16.52
C TYR A 342 -5.53 8.29 17.39
N PHE A 343 -4.22 8.05 17.25
CA PHE A 343 -3.18 8.81 17.92
C PHE A 343 -2.68 9.83 16.91
N ASP A 344 -3.12 11.06 17.11
CA ASP A 344 -2.82 12.21 16.29
C ASP A 344 -1.69 12.94 16.98
N ASP A 345 -0.51 12.94 16.38
CA ASP A 345 0.72 13.58 16.86
C ASP A 345 0.54 15.02 17.30
N ASP A 346 -0.16 15.84 16.49
CA ASP A 346 -0.42 17.25 16.75
C ASP A 346 -1.19 17.48 18.05
N LYS A 347 -2.10 16.58 18.43
CA LYS A 347 -2.93 16.71 19.63
C LYS A 347 -2.41 15.89 20.77
N HIS A 348 -1.79 14.74 20.47
CA HIS A 348 -1.49 13.73 21.47
C HIS A 348 -0.03 13.52 21.83
N PHE A 349 0.90 13.82 20.95
CA PHE A 349 2.29 13.61 21.31
C PHE A 349 2.81 14.86 21.99
N ILE A 350 2.83 14.85 23.34
CA ILE A 350 3.25 16.01 24.11
C ILE A 350 4.60 15.68 24.76
N PRO A 351 5.73 15.98 24.07
CA PRO A 351 7.04 15.59 24.62
C PRO A 351 7.39 16.14 25.99
N ASN A 352 6.88 17.34 26.35
CA ASN A 352 7.26 17.88 27.65
C ASN A 352 6.61 17.15 28.82
N LYS A 353 5.45 16.48 28.61
CA LYS A 353 4.84 15.65 29.68
C LYS A 353 5.80 14.48 30.03
N ILE A 354 6.46 13.88 28.99
CA ILE A 354 7.41 12.77 29.15
C ILE A 354 8.64 13.23 29.90
N LEU A 355 9.24 14.36 29.50
CA LEU A 355 10.40 14.92 30.18
C LEU A 355 10.05 15.35 31.64
N LYS A 356 8.80 15.83 31.92
CA LYS A 356 8.43 16.18 33.31
C LYS A 356 8.36 14.90 34.17
N LEU A 357 7.62 13.85 33.71
CA LEU A 357 7.44 12.62 34.50
C LEU A 357 8.75 11.90 34.79
N ARG A 358 9.76 11.97 33.89
CA ARG A 358 11.07 11.34 34.13
C ARG A 358 11.86 12.02 35.29
N LYS A 359 11.42 13.24 35.69
CA LYS A 359 11.96 14.14 36.71
C LYS A 359 13.29 14.77 36.27
N ALA B 10 -30.04 -12.22 -15.29
CA ALA B 10 -29.00 -12.46 -16.29
C ALA B 10 -29.57 -13.09 -17.57
N GLU B 11 -29.11 -12.62 -18.75
CA GLU B 11 -29.59 -13.12 -20.04
C GLU B 11 -28.44 -13.50 -20.99
N TYR B 12 -27.52 -14.37 -20.50
CA TYR B 12 -26.38 -14.88 -21.28
C TYR B 12 -26.89 -15.88 -22.31
N ARG B 13 -27.70 -16.86 -21.83
CA ARG B 13 -28.33 -17.92 -22.62
C ARG B 13 -29.01 -17.38 -23.87
N LEU B 14 -29.83 -16.31 -23.72
CA LEU B 14 -30.56 -15.67 -24.81
C LEU B 14 -29.64 -14.94 -25.78
N ALA B 15 -28.66 -14.19 -25.23
CA ALA B 15 -27.66 -13.45 -26.01
C ALA B 15 -26.95 -14.41 -26.99
N PHE B 16 -26.51 -15.61 -26.48
CA PHE B 16 -25.87 -16.68 -27.23
C PHE B 16 -26.83 -17.28 -28.29
N GLU B 17 -28.05 -17.63 -27.89
CA GLU B 17 -29.11 -18.19 -28.75
C GLU B 17 -29.46 -17.26 -29.92
N GLN B 18 -29.50 -15.94 -29.66
CA GLN B 18 -29.79 -14.92 -30.67
C GLN B 18 -28.64 -14.77 -31.64
N LEU B 19 -27.39 -15.00 -31.15
CA LEU B 19 -26.19 -14.99 -31.99
C LEU B 19 -25.98 -16.36 -32.62
N ASN B 20 -26.86 -17.32 -32.29
CA ASN B 20 -26.77 -18.71 -32.74
C ASN B 20 -25.43 -19.34 -32.33
N PHE B 21 -24.91 -18.88 -31.18
CA PHE B 21 -23.62 -19.25 -30.59
C PHE B 21 -23.76 -20.56 -29.81
N VAL B 22 -23.76 -21.68 -30.55
CA VAL B 22 -23.95 -23.03 -30.03
C VAL B 22 -22.82 -23.93 -30.54
N GLY B 23 -22.33 -24.80 -29.65
CA GLY B 23 -21.28 -25.78 -29.95
C GLY B 23 -21.73 -27.01 -30.73
N ALA B 24 -20.85 -28.03 -30.82
CA ALA B 24 -21.10 -29.28 -31.56
C ALA B 24 -22.28 -30.09 -31.07
N ASP B 25 -22.65 -29.91 -29.79
CA ASP B 25 -23.79 -30.57 -29.15
C ASP B 25 -25.06 -29.68 -29.18
N SER B 26 -25.04 -28.59 -30.00
CA SER B 26 -26.11 -27.59 -30.18
C SER B 26 -26.44 -26.83 -28.86
N LYS B 27 -25.56 -26.91 -27.87
CA LYS B 27 -25.74 -26.23 -26.59
C LYS B 27 -24.98 -24.90 -26.57
N THR B 28 -25.60 -23.92 -25.92
CA THR B 28 -25.14 -22.56 -25.66
C THR B 28 -24.06 -22.70 -24.57
N PRO B 29 -23.02 -21.83 -24.51
CA PRO B 29 -22.03 -21.95 -23.42
C PRO B 29 -22.67 -21.89 -22.03
N ILE B 30 -22.15 -22.72 -21.11
CA ILE B 30 -22.60 -22.79 -19.74
C ILE B 30 -21.58 -22.10 -18.84
N LEU B 31 -22.05 -21.15 -18.00
CA LEU B 31 -21.21 -20.43 -17.06
C LEU B 31 -20.78 -21.37 -15.93
N LYS B 32 -19.47 -21.49 -15.69
CA LYS B 32 -18.91 -22.37 -14.66
C LYS B 32 -18.24 -21.62 -13.52
N SER B 33 -17.95 -20.30 -13.69
CA SER B 33 -17.37 -19.41 -12.67
C SER B 33 -17.49 -17.92 -13.04
N PHE B 34 -17.54 -17.05 -12.03
CA PHE B 34 -17.59 -15.60 -12.18
C PHE B 34 -16.91 -14.93 -10.97
N ILE B 35 -15.78 -14.25 -11.22
CA ILE B 35 -14.94 -13.54 -10.25
C ILE B 35 -14.87 -12.07 -10.72
N GLU B 36 -15.11 -11.11 -9.84
CA GLU B 36 -15.06 -9.67 -10.21
C GLU B 36 -13.98 -8.96 -9.41
N ASP B 37 -13.28 -7.98 -10.03
CA ASP B 37 -12.30 -7.21 -9.29
C ASP B 37 -12.97 -5.90 -8.92
N LYS B 38 -13.06 -5.63 -7.60
CA LYS B 38 -13.69 -4.45 -7.04
C LYS B 38 -13.04 -3.14 -7.54
N GLY B 39 -11.71 -3.11 -7.62
CA GLY B 39 -10.96 -1.92 -8.01
C GLY B 39 -10.76 -1.64 -9.47
N THR B 40 -10.46 -2.67 -10.26
CA THR B 40 -10.18 -2.55 -11.70
C THR B 40 -11.44 -2.77 -12.55
N ARG B 41 -12.46 -3.42 -11.95
CA ARG B 41 -13.77 -3.73 -12.52
C ARG B 41 -13.64 -4.66 -13.75
N ILE B 42 -12.58 -5.51 -13.72
CA ILE B 42 -12.21 -6.54 -14.67
C ILE B 42 -12.69 -7.89 -14.10
N ASP B 43 -13.62 -8.54 -14.84
CA ASP B 43 -14.27 -9.81 -14.51
C ASP B 43 -13.59 -11.03 -15.13
N GLU B 44 -13.62 -12.17 -14.41
CA GLU B 44 -12.99 -13.42 -14.83
C GLU B 44 -14.09 -14.46 -15.03
N ILE B 45 -14.66 -14.45 -16.27
CA ILE B 45 -15.78 -15.29 -16.69
C ILE B 45 -15.33 -16.61 -17.30
N THR B 46 -15.67 -17.72 -16.64
CA THR B 46 -15.33 -19.06 -17.07
C THR B 46 -16.55 -19.76 -17.68
N PHE B 47 -16.46 -20.11 -18.96
CA PHE B 47 -17.53 -20.80 -19.65
C PHE B 47 -17.08 -22.19 -20.07
N GLU B 48 -18.04 -23.08 -20.28
CA GLU B 48 -17.85 -24.43 -20.77
C GLU B 48 -18.79 -24.61 -21.95
N SER B 49 -18.23 -24.97 -23.11
CA SER B 49 -18.98 -25.17 -24.36
C SER B 49 -18.21 -26.08 -25.31
N MET B 50 -18.84 -26.48 -26.41
CA MET B 50 -18.21 -27.30 -27.43
C MET B 50 -17.86 -26.43 -28.67
N ILE B 51 -17.54 -25.16 -28.40
CA ILE B 51 -17.16 -24.12 -29.35
C ILE B 51 -15.64 -23.90 -29.20
N PRO B 52 -14.84 -24.06 -30.28
CA PRO B 52 -13.38 -23.87 -30.15
C PRO B 52 -13.02 -22.44 -29.81
N ILE B 53 -11.90 -22.24 -29.08
CA ILE B 53 -11.40 -20.91 -28.69
C ILE B 53 -11.31 -19.96 -29.92
N GLU B 54 -10.86 -20.49 -31.09
CA GLU B 54 -10.75 -19.79 -32.37
C GLU B 54 -12.08 -19.15 -32.75
N THR B 55 -13.19 -19.93 -32.79
CA THR B 55 -14.54 -19.41 -33.04
C THR B 55 -14.93 -18.33 -31.97
N TRP B 56 -14.65 -18.55 -30.67
CA TRP B 56 -14.93 -17.57 -29.61
C TRP B 56 -14.22 -16.22 -29.91
N LYS B 57 -12.94 -16.28 -30.35
CA LYS B 57 -12.12 -15.11 -30.70
C LYS B 57 -12.68 -14.37 -31.93
N SER B 58 -13.12 -15.13 -32.93
CA SER B 58 -13.68 -14.54 -34.13
C SER B 58 -15.09 -13.89 -33.87
N TYR B 59 -15.74 -14.28 -32.75
CA TYR B 59 -17.04 -13.75 -32.38
C TYR B 59 -16.97 -12.62 -31.37
N ILE B 60 -15.74 -12.21 -30.96
CA ILE B 60 -15.55 -11.11 -30.00
C ILE B 60 -16.40 -9.85 -30.37
N PRO B 61 -16.36 -9.29 -31.62
CA PRO B 61 -17.18 -8.10 -31.88
C PRO B 61 -18.67 -8.21 -31.56
N GLN B 62 -19.29 -9.38 -31.86
CA GLN B 62 -20.73 -9.64 -31.64
C GLN B 62 -21.02 -10.11 -30.21
N LEU B 63 -20.07 -10.83 -29.58
CA LEU B 63 -20.16 -11.26 -28.16
C LEU B 63 -20.14 -10.03 -27.26
N GLN B 64 -19.31 -9.02 -27.63
CA GLN B 64 -19.22 -7.76 -26.88
C GLN B 64 -20.55 -7.01 -26.91
N THR B 65 -21.27 -7.04 -28.04
CA THR B 65 -22.54 -6.33 -28.22
C THR B 65 -23.73 -7.11 -27.63
N SER B 66 -23.75 -8.43 -27.81
CA SER B 66 -24.85 -9.24 -27.31
C SER B 66 -24.84 -9.40 -25.80
N LEU B 67 -23.64 -9.49 -25.20
CA LEU B 67 -23.50 -9.63 -23.76
C LEU B 67 -23.37 -8.28 -23.04
N ASN B 68 -23.16 -7.17 -23.82
CA ASN B 68 -22.95 -5.80 -23.30
C ASN B 68 -21.71 -5.77 -22.36
N ILE B 69 -20.58 -6.26 -22.89
CA ILE B 69 -19.29 -6.35 -22.19
C ILE B 69 -18.17 -5.96 -23.14
N SER B 70 -17.02 -5.54 -22.63
CA SER B 70 -15.86 -5.25 -23.47
C SER B 70 -14.86 -6.35 -23.16
N ILE B 71 -14.60 -7.22 -24.15
CA ILE B 71 -13.68 -8.34 -24.04
C ILE B 71 -12.23 -7.84 -24.19
N ILE B 72 -11.38 -8.19 -23.20
CA ILE B 72 -9.95 -7.85 -23.11
C ILE B 72 -9.16 -9.04 -23.61
N SER B 73 -9.50 -10.26 -23.14
CA SER B 73 -8.82 -11.51 -23.50
C SER B 73 -9.71 -12.75 -23.33
N ILE B 74 -9.38 -13.82 -24.10
CA ILE B 74 -10.01 -15.15 -24.04
C ILE B 74 -8.86 -16.17 -24.03
N GLU B 75 -8.78 -16.97 -22.96
CA GLU B 75 -7.77 -18.00 -22.76
C GLU B 75 -8.44 -19.37 -22.56
N GLN B 76 -7.73 -20.46 -22.88
CA GLN B 76 -8.25 -21.81 -22.70
C GLN B 76 -7.99 -22.26 -21.24
N GLY B 77 -8.99 -22.89 -20.61
CA GLY B 77 -8.89 -23.38 -19.25
C GLY B 77 -8.39 -24.81 -19.14
N ALA B 78 -8.96 -25.57 -18.17
CA ALA B 78 -8.63 -26.96 -17.85
C ALA B 78 -8.86 -27.98 -18.98
N SER B 79 -9.55 -27.57 -20.05
CA SER B 79 -9.82 -28.41 -21.22
C SER B 79 -10.03 -27.56 -22.45
N LYS B 80 -10.12 -28.21 -23.62
CA LYS B 80 -10.41 -27.55 -24.89
C LYS B 80 -11.92 -27.15 -24.96
N ARG B 81 -12.69 -27.51 -23.90
CA ARG B 81 -14.09 -27.19 -23.68
C ARG B 81 -14.29 -26.00 -22.70
N ILE B 82 -13.21 -25.55 -21.99
CA ILE B 82 -13.25 -24.42 -21.03
C ILE B 82 -12.60 -23.17 -21.63
N VAL B 83 -13.19 -21.97 -21.40
CA VAL B 83 -12.68 -20.66 -21.83
C VAL B 83 -12.79 -19.66 -20.70
N ILE B 84 -11.71 -18.91 -20.46
CA ILE B 84 -11.58 -17.86 -19.44
C ILE B 84 -11.60 -16.54 -20.17
N ILE B 85 -12.55 -15.68 -19.82
CA ILE B 85 -12.72 -14.39 -20.46
C ILE B 85 -12.46 -13.32 -19.42
N LYS B 86 -11.61 -12.35 -19.79
CA LYS B 86 -11.34 -11.17 -18.99
C LYS B 86 -12.12 -10.10 -19.71
N SER B 87 -13.00 -9.42 -18.98
CA SER B 87 -13.88 -8.43 -19.58
C SER B 87 -14.34 -7.42 -18.58
N MET B 88 -14.85 -6.29 -19.09
CA MET B 88 -15.41 -5.23 -18.26
C MET B 88 -16.82 -4.99 -18.71
N ALA B 89 -17.71 -4.71 -17.76
CA ALA B 89 -19.11 -4.43 -18.01
C ALA B 89 -19.24 -3.19 -18.89
N GLY B 90 -20.32 -3.11 -19.66
CA GLY B 90 -20.64 -1.98 -20.50
C GLY B 90 -20.94 -0.73 -19.68
N ASP B 91 -21.16 -0.93 -18.36
CA ASP B 91 -21.43 0.06 -17.29
C ASP B 91 -20.12 0.62 -16.71
N ALA B 92 -19.05 -0.21 -16.61
CA ALA B 92 -17.73 0.16 -16.11
C ALA B 92 -17.00 1.00 -17.17
N LYS B 93 -17.56 2.20 -17.47
CA LYS B 93 -17.09 3.12 -18.49
C LYS B 93 -15.95 4.04 -18.06
N ILE B 94 -14.90 4.06 -18.88
CA ILE B 94 -13.74 4.95 -18.76
C ILE B 94 -13.42 5.38 -20.19
N PRO B 95 -13.13 6.67 -20.46
CA PRO B 95 -12.81 7.06 -21.85
C PRO B 95 -11.56 6.37 -22.40
N LYS B 96 -11.51 6.22 -23.74
CA LYS B 96 -10.37 5.65 -24.44
C LYS B 96 -9.52 6.83 -24.88
N TYR B 97 -10.14 8.03 -24.91
CA TYR B 97 -9.52 9.30 -25.25
C TYR B 97 -10.01 10.35 -24.27
N LEU B 98 -9.07 10.84 -23.49
CA LEU B 98 -9.33 11.84 -22.49
C LEU B 98 -8.20 12.84 -22.68
N PRO B 99 -8.38 13.84 -23.58
CA PRO B 99 -7.30 14.79 -23.81
C PRO B 99 -7.02 15.61 -22.55
N TRP B 100 -5.75 15.99 -22.37
CA TRP B 100 -5.34 16.86 -21.28
C TRP B 100 -6.12 18.17 -21.40
N ASP B 101 -6.73 18.59 -20.29
CA ASP B 101 -7.49 19.83 -20.20
C ASP B 101 -7.01 20.51 -18.92
N ASP B 102 -6.78 21.84 -19.00
CA ASP B 102 -6.29 22.65 -17.88
C ASP B 102 -7.34 22.84 -16.79
N LYS B 103 -8.56 22.29 -17.02
CA LYS B 103 -9.67 22.27 -16.06
C LYS B 103 -9.37 21.26 -14.93
N TYR B 104 -8.43 20.33 -15.20
CA TYR B 104 -7.98 19.27 -14.30
C TYR B 104 -6.90 19.72 -13.30
N ILE B 105 -6.10 20.76 -13.68
CA ILE B 105 -5.01 21.33 -12.87
C ILE B 105 -5.47 21.59 -11.43
N GLU B 106 -4.64 21.21 -10.44
CA GLU B 106 -4.97 21.45 -9.03
C GLU B 106 -4.37 22.74 -8.51
N GLU B 107 -5.20 23.50 -7.78
CA GLU B 107 -4.81 24.76 -7.15
C GLU B 107 -3.76 24.54 -6.02
N GLN B 108 -3.85 23.40 -5.30
CA GLN B 108 -2.91 23.08 -4.21
C GLN B 108 -1.51 22.78 -4.74
N GLU B 109 -0.48 23.42 -4.14
CA GLU B 109 0.91 23.23 -4.55
C GLU B 109 1.40 21.84 -4.14
N GLY B 110 1.82 21.08 -5.14
CA GLY B 110 2.31 19.72 -4.98
C GLY B 110 1.27 18.69 -5.37
N VAL B 111 0.02 19.13 -5.61
CA VAL B 111 -1.05 18.21 -6.00
C VAL B 111 -1.11 18.10 -7.55
N VAL B 112 -1.07 16.86 -8.07
CA VAL B 112 -1.13 16.55 -9.51
C VAL B 112 -2.32 15.64 -9.81
N VAL B 113 -2.81 15.64 -11.06
CA VAL B 113 -3.92 14.79 -11.52
C VAL B 113 -3.37 13.98 -12.70
N VAL B 114 -3.45 12.65 -12.62
CA VAL B 114 -2.87 11.84 -13.70
C VAL B 114 -3.92 11.33 -14.72
N GLY B 115 -5.18 11.28 -14.29
CA GLY B 115 -6.25 10.80 -15.15
C GLY B 115 -7.56 10.60 -14.45
N GLN B 116 -8.51 9.95 -15.14
CA GLN B 116 -9.87 9.68 -14.68
C GLN B 116 -10.11 8.20 -14.47
N THR B 117 -10.76 7.86 -13.36
CA THR B 117 -11.13 6.49 -13.02
C THR B 117 -12.65 6.40 -13.12
N PHE B 118 -13.26 5.22 -12.84
CA PHE B 118 -14.70 4.92 -12.90
C PHE B 118 -15.59 6.04 -12.39
N SER B 119 -15.20 6.68 -11.29
CA SER B 119 -15.91 7.81 -10.72
C SER B 119 -14.87 8.75 -10.11
N GLY B 120 -14.70 9.91 -10.74
CA GLY B 120 -13.74 10.92 -10.35
C GLY B 120 -12.36 10.77 -10.97
N ASN B 121 -11.45 11.68 -10.59
CA ASN B 121 -10.09 11.72 -11.12
C ASN B 121 -9.04 11.26 -10.10
N ILE B 122 -7.96 10.61 -10.59
CA ILE B 122 -6.82 10.16 -9.77
C ILE B 122 -5.89 11.34 -9.49
N LYS B 123 -5.85 11.76 -8.23
CA LYS B 123 -5.05 12.88 -7.77
C LYS B 123 -3.92 12.34 -6.87
N ILE B 124 -2.69 12.88 -7.04
CA ILE B 124 -1.52 12.49 -6.24
C ILE B 124 -1.03 13.73 -5.50
N ASP B 125 -0.90 13.64 -4.17
CA ASP B 125 -0.38 14.71 -3.33
C ASP B 125 1.10 14.38 -3.07
N LEU B 126 1.99 15.10 -3.75
CA LEU B 126 3.42 14.94 -3.63
C LEU B 126 3.99 15.29 -2.23
N ASN B 127 3.22 16.05 -1.43
CA ASN B 127 3.64 16.39 -0.07
C ASN B 127 3.48 15.20 0.88
N LYS B 128 2.45 14.34 0.64
CA LYS B 128 2.17 13.13 1.41
C LYS B 128 2.99 11.95 0.83
N SER B 129 2.94 11.74 -0.51
CA SER B 129 3.63 10.66 -1.21
C SER B 129 4.54 11.28 -2.30
N PRO B 130 5.86 11.46 -1.99
CA PRO B 130 6.73 12.28 -2.84
C PRO B 130 7.23 11.75 -4.17
N HIS B 131 7.26 10.42 -4.38
CA HIS B 131 7.85 9.83 -5.57
C HIS B 131 6.89 8.90 -6.31
N ILE B 132 7.00 8.89 -7.67
CA ILE B 132 6.17 8.13 -8.60
C ILE B 132 6.98 7.20 -9.49
N LEU B 133 6.47 5.97 -9.67
CA LEU B 133 7.03 4.98 -10.59
C LEU B 133 5.97 4.72 -11.63
N SER B 134 6.24 5.11 -12.90
CA SER B 134 5.33 4.87 -14.01
C SER B 134 5.96 3.82 -14.94
N ALA B 135 5.32 2.66 -15.00
CA ALA B 135 5.79 1.51 -15.78
C ALA B 135 4.85 1.12 -16.92
N GLY B 136 5.43 0.83 -18.07
CA GLY B 136 4.70 0.36 -19.23
C GLY B 136 5.60 0.10 -20.41
N GLU B 137 5.19 -0.79 -21.31
CA GLU B 137 5.97 -1.11 -22.52
C GLU B 137 5.80 0.02 -23.55
N THR B 138 6.44 -0.10 -24.74
CA THR B 138 6.23 0.84 -25.87
C THR B 138 4.73 0.63 -26.25
N GLY B 139 3.95 1.70 -26.26
CA GLY B 139 2.52 1.64 -26.56
C GLY B 139 1.58 1.94 -25.40
N SER B 140 2.12 1.88 -24.15
CA SER B 140 1.35 2.12 -22.94
C SER B 140 1.06 3.61 -22.74
N GLY B 141 2.04 4.46 -23.04
CA GLY B 141 2.01 5.90 -22.82
C GLY B 141 2.48 6.29 -21.43
N LYS B 142 3.36 5.46 -20.80
CA LYS B 142 3.88 5.69 -19.44
C LYS B 142 4.72 6.98 -19.31
N SER B 143 5.32 7.45 -20.42
CA SER B 143 6.15 8.67 -20.34
C SER B 143 5.32 9.93 -20.56
N VAL B 144 4.16 9.77 -21.25
CA VAL B 144 3.15 10.80 -21.50
C VAL B 144 2.61 11.26 -20.13
N ILE B 145 2.50 10.32 -19.15
CA ILE B 145 2.08 10.54 -17.77
C ILE B 145 3.07 11.46 -17.05
N LEU B 146 4.37 11.12 -17.13
CA LEU B 146 5.46 11.89 -16.53
C LEU B 146 5.52 13.34 -17.03
N ARG B 147 5.30 13.56 -18.35
CA ARG B 147 5.29 14.89 -18.98
C ARG B 147 4.10 15.70 -18.58
N CYS B 148 2.95 15.05 -18.39
CA CYS B 148 1.74 15.70 -17.92
C CYS B 148 1.89 16.19 -16.45
N ILE B 149 2.59 15.41 -15.58
CA ILE B 149 2.87 15.70 -14.17
C ILE B 149 3.89 16.83 -14.13
N LEU B 150 4.92 16.74 -14.98
CA LEU B 150 5.97 17.73 -15.10
C LEU B 150 5.36 19.09 -15.46
N TRP B 151 4.42 19.08 -16.44
CA TRP B 151 3.69 20.25 -16.90
C TRP B 151 2.95 20.95 -15.74
N GLN B 152 2.18 20.14 -14.99
CA GLN B 152 1.37 20.53 -13.86
C GLN B 152 2.20 21.15 -12.75
N LEU B 153 3.40 20.62 -12.48
CA LEU B 153 4.31 21.15 -11.48
C LEU B 153 5.03 22.40 -12.00
N LEU B 154 5.24 22.48 -13.32
CA LEU B 154 5.85 23.67 -13.92
C LEU B 154 4.86 24.84 -13.89
N LYS B 155 3.54 24.50 -13.98
CA LYS B 155 2.38 25.40 -13.88
C LYS B 155 2.19 25.86 -12.44
N GLN B 156 3.01 25.34 -11.52
CA GLN B 156 2.95 25.64 -10.09
C GLN B 156 4.26 26.30 -9.63
N GLY B 157 5.23 26.48 -10.53
CA GLY B 157 6.48 27.15 -10.21
C GLY B 157 7.71 26.33 -9.91
N ALA B 158 7.65 25.00 -10.09
CA ALA B 158 8.78 24.13 -9.80
C ALA B 158 9.99 24.26 -10.76
N ILE B 159 11.19 23.96 -10.27
CA ILE B 159 12.42 23.86 -11.04
C ILE B 159 12.32 22.44 -11.62
N ALA B 160 12.69 22.25 -12.88
CA ALA B 160 12.62 20.93 -13.49
C ALA B 160 13.93 20.40 -14.05
N TYR B 161 14.10 19.06 -13.95
CA TYR B 161 15.23 18.30 -14.51
C TYR B 161 14.69 17.13 -15.27
N MET B 162 15.17 16.97 -16.51
CA MET B 162 14.68 15.89 -17.36
C MET B 162 15.85 15.05 -17.83
N VAL B 163 15.85 13.78 -17.43
CA VAL B 163 16.91 12.83 -17.74
C VAL B 163 16.44 11.88 -18.82
N ASP B 164 16.99 12.04 -20.01
CA ASP B 164 16.69 11.24 -21.18
C ASP B 164 17.96 11.10 -22.01
N PHE B 165 18.59 9.90 -21.95
CA PHE B 165 19.84 9.62 -22.66
C PHE B 165 19.63 9.42 -24.14
N LYS B 166 18.40 9.00 -24.55
CA LYS B 166 18.01 8.80 -25.96
C LYS B 166 18.16 10.10 -26.76
N GLY B 167 18.57 11.17 -26.06
CA GLY B 167 18.92 12.48 -26.60
C GLY B 167 17.77 13.42 -26.82
N GLY B 168 16.94 13.60 -25.78
CA GLY B 168 15.79 14.48 -25.81
C GLY B 168 14.81 14.23 -26.94
N VAL B 169 14.53 12.94 -27.23
CA VAL B 169 13.57 12.53 -28.26
C VAL B 169 12.16 12.87 -27.78
N GLU B 170 11.90 12.58 -26.49
CA GLU B 170 10.66 12.81 -25.75
C GLU B 170 10.62 14.27 -25.27
N PHE B 171 11.76 14.75 -24.72
CA PHE B 171 11.93 16.11 -24.21
C PHE B 171 12.63 17.00 -25.26
N GLY B 172 11.82 17.60 -26.13
CA GLY B 172 12.29 18.44 -27.22
C GLY B 172 12.96 19.73 -26.78
N LEU B 173 13.30 20.58 -27.77
CA LEU B 173 13.96 21.88 -27.59
C LEU B 173 13.07 22.84 -26.78
N GLU B 174 11.75 22.60 -26.83
CA GLU B 174 10.68 23.31 -26.13
C GLU B 174 10.82 23.06 -24.62
N TYR B 175 11.19 21.82 -24.23
CA TYR B 175 11.38 21.41 -22.83
C TYR B 175 12.62 22.05 -22.20
N GLU B 176 13.60 22.39 -23.06
CA GLU B 176 14.84 23.08 -22.66
C GLU B 176 14.56 24.53 -22.26
N LYS B 177 13.40 25.09 -22.67
CA LYS B 177 13.00 26.47 -22.37
C LYS B 177 12.57 26.71 -20.91
N VAL B 178 12.09 25.64 -20.22
CA VAL B 178 11.55 25.65 -18.86
C VAL B 178 12.50 25.04 -17.80
N GLY B 179 13.28 24.03 -18.18
CA GLY B 179 14.25 23.39 -17.29
C GLY B 179 15.39 22.73 -18.05
N GLN B 180 16.35 22.16 -17.31
CA GLN B 180 17.53 21.46 -17.82
C GLN B 180 17.28 20.02 -18.26
N VAL B 181 17.75 19.69 -19.47
CA VAL B 181 17.63 18.38 -20.06
C VAL B 181 19.01 17.73 -20.01
N ILE B 182 19.11 16.58 -19.27
CA ILE B 182 20.30 15.76 -19.07
C ILE B 182 20.29 14.59 -20.07
N THR B 183 21.29 14.52 -20.97
CA THR B 183 21.32 13.48 -22.01
C THR B 183 22.52 12.54 -21.93
N GLU B 184 23.47 12.83 -21.00
CA GLU B 184 24.70 12.05 -20.80
C GLU B 184 24.88 11.65 -19.32
N VAL B 185 25.60 10.54 -19.11
CA VAL B 185 25.93 9.96 -17.80
C VAL B 185 26.82 10.93 -16.93
N ASP B 186 27.77 11.67 -17.53
CA ASP B 186 28.59 12.60 -16.73
C ASP B 186 27.74 13.75 -16.19
N ALA B 187 26.79 14.24 -17.01
CA ALA B 187 25.83 15.25 -16.55
C ALA B 187 24.84 14.67 -15.52
N ALA B 188 24.34 13.41 -15.68
CA ALA B 188 23.45 12.77 -14.67
C ALA B 188 24.17 12.67 -13.33
N GLU B 189 25.45 12.28 -13.34
CA GLU B 189 26.29 12.20 -12.14
C GLU B 189 26.45 13.56 -11.45
N LYS B 190 26.80 14.63 -12.21
CA LYS B 190 26.97 15.97 -11.63
C LYS B 190 25.64 16.53 -11.10
N LEU B 191 24.51 16.16 -11.73
CA LEU B 191 23.18 16.58 -11.30
C LEU B 191 22.80 15.88 -10.00
N PHE B 192 22.87 14.54 -9.94
CA PHE B 192 22.49 13.81 -8.74
C PHE B 192 23.36 14.10 -7.50
N LYS B 193 24.70 14.30 -7.69
CA LYS B 193 25.67 14.67 -6.63
C LYS B 193 25.12 15.92 -5.98
N TYR B 194 24.77 16.92 -6.84
CA TYR B 194 24.19 18.22 -6.52
C TYR B 194 22.86 18.07 -5.83
N LEU B 195 21.91 17.31 -6.39
CA LEU B 195 20.57 17.13 -5.82
C LEU B 195 20.60 16.57 -4.43
N VAL B 196 21.44 15.56 -4.20
CA VAL B 196 21.64 14.93 -2.89
C VAL B 196 22.14 15.96 -1.85
N ASP B 197 23.06 16.82 -2.26
CA ASP B 197 23.62 17.89 -1.44
C ASP B 197 22.57 19.01 -1.23
N GLU B 198 21.78 19.33 -2.28
CA GLU B 198 20.69 20.30 -2.17
C GLU B 198 19.65 19.84 -1.15
N ASN B 199 19.36 18.53 -1.15
CA ASN B 199 18.42 17.89 -0.23
C ASN B 199 18.94 17.98 1.18
N ALA B 200 20.24 17.70 1.38
CA ALA B 200 20.95 17.78 2.66
C ALA B 200 20.88 19.18 3.24
N LYS B 201 21.08 20.23 2.38
CA LYS B 201 20.99 21.64 2.80
C LYS B 201 19.59 21.94 3.23
N ARG B 202 18.61 21.44 2.48
CA ARG B 202 17.18 21.62 2.80
C ARG B 202 16.81 21.00 4.16
N LEU B 203 17.29 19.79 4.45
CA LEU B 203 17.05 19.11 5.73
C LEU B 203 17.66 19.87 6.92
N LYS B 204 18.80 20.52 6.70
CA LYS B 204 19.47 21.31 7.72
C LYS B 204 18.63 22.57 8.02
N LEU B 205 18.01 23.16 6.99
CA LEU B 205 17.13 24.33 7.07
C LEU B 205 15.82 23.98 7.76
N LEU B 206 15.25 22.78 7.47
CA LEU B 206 14.03 22.34 8.14
C LEU B 206 14.37 22.04 9.61
N ARG B 207 15.56 21.48 9.90
CA ARG B 207 15.97 21.19 11.29
C ARG B 207 16.18 22.45 12.11
N GLU B 208 16.99 23.42 11.62
CA GLU B 208 17.33 24.66 12.34
C GLU B 208 16.17 25.63 12.52
N SER B 209 15.20 25.62 11.60
CA SER B 209 14.01 26.48 11.72
C SER B 209 12.88 25.72 12.41
N GLY B 210 13.09 24.43 12.70
CA GLY B 210 12.06 23.57 13.25
C GLY B 210 10.84 23.40 12.35
N SER B 211 11.00 23.50 11.01
CA SER B 211 9.88 23.35 10.05
C SER B 211 9.67 21.86 9.66
N LYS B 212 8.40 21.34 9.60
CA LYS B 212 8.14 19.91 9.29
C LYS B 212 8.49 19.55 7.87
N ASN B 213 8.20 20.45 6.94
CA ASN B 213 8.42 20.30 5.51
C ASN B 213 8.58 21.69 4.89
N ILE B 214 8.89 21.76 3.56
CA ILE B 214 9.08 23.02 2.85
C ILE B 214 7.83 23.89 2.84
N GLY B 215 6.64 23.27 2.88
CA GLY B 215 5.37 23.96 2.95
C GLY B 215 5.33 24.85 4.18
N GLU B 216 5.78 24.29 5.33
CA GLU B 216 5.89 25.00 6.59
C GLU B 216 7.04 26.01 6.54
N TYR B 217 8.14 25.64 5.88
CA TYR B 217 9.32 26.51 5.76
C TYR B 217 9.03 27.79 4.98
N ASN B 218 8.26 27.67 3.89
CA ASN B 218 7.94 28.79 3.01
C ASN B 218 6.97 29.76 3.65
N LYS B 219 6.23 29.30 4.68
CA LYS B 219 5.29 30.13 5.42
C LYS B 219 6.04 31.17 6.26
N LYS B 220 7.14 30.75 6.91
CA LYS B 220 8.00 31.59 7.76
C LYS B 220 8.99 32.46 6.99
N PHE B 221 9.39 32.03 5.78
CA PHE B 221 10.39 32.72 4.96
C PHE B 221 9.74 33.29 3.69
N GLU B 222 9.32 34.58 3.75
CA GLU B 222 8.61 35.30 2.69
C GLU B 222 9.39 35.49 1.36
N GLY B 223 10.71 35.66 1.45
CA GLY B 223 11.56 35.89 0.29
C GLY B 223 12.83 35.08 0.25
N GLU B 224 12.83 33.94 0.96
CA GLU B 224 13.93 32.96 1.01
C GLU B 224 13.35 31.60 0.56
N GLU B 225 12.06 31.60 0.14
CA GLU B 225 11.29 30.42 -0.25
C GLU B 225 12.07 29.40 -1.06
N LEU B 226 12.01 28.13 -0.63
CA LEU B 226 12.66 27.01 -1.34
C LEU B 226 11.67 26.53 -2.37
N LYS B 227 12.10 26.48 -3.62
CA LYS B 227 11.26 26.05 -4.73
C LYS B 227 11.20 24.53 -4.81
N ARG B 228 10.05 23.99 -5.24
CA ARG B 228 9.94 22.55 -5.45
C ARG B 228 10.84 22.17 -6.65
N ILE B 229 11.47 21.02 -6.60
CA ILE B 229 12.30 20.51 -7.68
C ILE B 229 11.67 19.23 -8.17
N ILE B 230 11.31 19.20 -9.45
CA ILE B 230 10.82 17.99 -10.10
C ILE B 230 11.98 17.39 -10.92
N VAL B 231 12.24 16.10 -10.71
CA VAL B 231 13.28 15.35 -11.43
C VAL B 231 12.54 14.25 -12.19
N VAL B 232 12.55 14.27 -13.53
CA VAL B 232 11.87 13.22 -14.27
C VAL B 232 12.89 12.34 -14.99
N ILE B 233 12.85 11.04 -14.65
CA ILE B 233 13.72 10.05 -15.24
C ILE B 233 12.85 9.27 -16.24
N ASP B 234 13.05 9.56 -17.55
CA ASP B 234 12.33 8.88 -18.63
C ASP B 234 12.53 7.35 -18.60
N GLU B 235 13.76 6.88 -18.39
CA GLU B 235 13.99 5.43 -18.30
C GLU B 235 14.97 5.09 -17.20
N LEU B 236 14.50 4.41 -16.14
CA LEU B 236 15.36 4.05 -14.99
C LEU B 236 16.55 3.18 -15.38
N ALA B 237 16.39 2.30 -16.40
CA ALA B 237 17.45 1.41 -16.84
C ALA B 237 18.68 2.16 -17.33
N GLU B 238 18.47 3.41 -17.82
CA GLU B 238 19.55 4.28 -18.28
C GLU B 238 20.46 4.73 -17.13
N LEU B 239 19.99 4.59 -15.88
CA LEU B 239 20.75 4.94 -14.68
C LEU B 239 21.15 3.71 -13.85
N MET B 240 20.36 2.62 -13.95
CA MET B 240 20.48 1.40 -13.16
C MET B 240 21.21 0.26 -13.84
N ASP B 241 21.15 0.19 -15.17
CA ASP B 241 21.78 -0.89 -15.91
C ASP B 241 23.21 -0.53 -16.35
N LYS B 242 24.16 -1.31 -15.85
CA LYS B 242 25.58 -1.14 -16.10
C LYS B 242 26.04 -2.37 -16.91
N THR B 243 25.59 -2.53 -18.17
CA THR B 243 25.96 -3.72 -18.98
C THR B 243 26.60 -3.38 -20.33
N GLY B 244 25.97 -2.48 -21.07
CA GLY B 244 26.44 -2.07 -22.38
C GLY B 244 27.25 -0.80 -22.29
N VAL B 245 28.15 -0.72 -21.30
CA VAL B 245 29.00 0.43 -21.02
C VAL B 245 30.40 0.03 -20.58
N ASP B 246 31.35 0.92 -20.81
CA ASP B 246 32.76 0.80 -20.43
C ASP B 246 32.99 0.96 -18.88
N ASP B 247 34.25 0.77 -18.43
CA ASP B 247 34.69 0.83 -17.03
C ASP B 247 34.47 2.19 -16.38
N GLU B 248 34.97 3.27 -17.00
CA GLU B 248 34.84 4.64 -16.48
C GLU B 248 33.37 5.07 -16.29
N THR B 249 32.51 4.78 -17.27
CA THR B 249 31.08 5.13 -17.17
C THR B 249 30.35 4.20 -16.18
N ARG B 250 30.78 2.93 -16.04
CA ARG B 250 30.20 1.98 -15.06
C ARG B 250 30.38 2.51 -13.64
N ALA B 251 31.54 3.11 -13.37
CA ALA B 251 31.89 3.71 -12.10
C ALA B 251 30.90 4.88 -11.82
N LYS B 252 30.58 5.67 -12.88
CA LYS B 252 29.66 6.82 -12.80
C LYS B 252 28.24 6.34 -12.50
N LEU B 253 27.79 5.25 -13.17
CA LEU B 253 26.47 4.64 -12.98
C LEU B 253 26.27 4.03 -11.59
N VAL B 254 27.36 3.58 -10.95
CA VAL B 254 27.35 3.02 -9.60
C VAL B 254 27.12 4.18 -8.61
N ARG B 255 27.82 5.32 -8.84
CA ARG B 255 27.68 6.52 -8.02
C ARG B 255 26.21 6.99 -8.13
N ILE B 256 25.67 7.09 -9.37
CA ILE B 256 24.29 7.46 -9.68
C ILE B 256 23.24 6.56 -8.97
N GLU B 257 23.46 5.26 -8.89
CA GLU B 257 22.55 4.32 -8.23
C GLU B 257 22.47 4.70 -6.74
N GLY B 258 23.62 5.00 -6.15
CA GLY B 258 23.80 5.46 -4.79
C GLY B 258 23.13 6.80 -4.52
N TYR B 259 23.20 7.77 -5.47
CA TYR B 259 22.61 9.07 -5.24
C TYR B 259 21.11 8.99 -5.32
N THR B 260 20.58 8.35 -6.39
CA THR B 260 19.15 8.17 -6.70
C THR B 260 18.44 7.54 -5.49
N SER B 261 19.09 6.53 -4.89
CA SER B 261 18.61 5.85 -3.70
C SER B 261 18.57 6.80 -2.49
N THR B 262 19.70 7.51 -2.18
CA THR B 262 19.75 8.48 -1.08
C THR B 262 18.61 9.51 -1.28
N LEU B 263 18.52 10.08 -2.51
CA LEU B 263 17.52 11.06 -2.88
C LEU B 263 16.10 10.54 -2.71
N ALA B 264 15.80 9.31 -3.12
CA ALA B 264 14.45 8.73 -2.96
C ALA B 264 14.08 8.58 -1.45
N ARG B 265 15.08 8.17 -0.64
CA ARG B 265 15.03 7.91 0.80
C ARG B 265 14.93 9.18 1.67
N LEU B 266 15.79 10.17 1.40
CA LEU B 266 15.90 11.38 2.22
C LEU B 266 15.07 12.56 1.72
N SER B 267 14.43 12.43 0.54
CA SER B 267 13.58 13.46 -0.07
C SER B 267 12.12 13.18 0.20
N ARG B 268 11.66 13.63 1.34
CA ARG B 268 10.29 13.41 1.75
C ARG B 268 9.58 14.73 2.01
N ALA B 269 10.26 15.62 2.75
CA ALA B 269 9.68 16.89 3.19
C ALA B 269 10.38 18.09 2.55
N THR B 270 11.42 17.84 1.76
CA THR B 270 12.25 18.87 1.15
C THR B 270 11.74 19.42 -0.20
N GLY B 271 10.64 18.89 -0.72
CA GLY B 271 10.07 19.31 -2.00
C GLY B 271 10.88 18.94 -3.23
N ILE B 272 11.55 17.80 -3.18
CA ILE B 272 12.34 17.27 -4.30
C ILE B 272 11.71 15.93 -4.69
N ASN B 273 11.06 15.91 -5.87
CA ASN B 273 10.30 14.76 -6.35
C ASN B 273 10.92 14.01 -7.53
N LEU B 274 10.86 12.68 -7.45
CA LEU B 274 11.37 11.81 -8.51
C LEU B 274 10.20 11.18 -9.20
N CYS B 275 10.06 11.43 -10.50
CA CYS B 275 9.04 10.84 -11.37
C CYS B 275 9.83 9.92 -12.32
N ILE B 276 9.79 8.62 -12.04
CA ILE B 276 10.57 7.59 -12.73
C ILE B 276 9.73 6.77 -13.69
N GLY B 277 10.26 6.58 -14.90
CA GLY B 277 9.66 5.78 -15.96
C GLY B 277 10.41 4.47 -16.13
N VAL B 278 9.68 3.33 -16.21
CA VAL B 278 10.30 1.99 -16.40
C VAL B 278 9.56 1.23 -17.53
N GLN B 279 10.26 0.95 -18.61
CA GLN B 279 9.70 0.24 -19.74
C GLN B 279 9.73 -1.26 -19.44
N ARG B 280 10.85 -1.75 -18.88
CA ARG B 280 11.03 -3.16 -18.59
C ARG B 280 11.30 -3.43 -17.09
N PRO B 281 10.28 -3.47 -16.22
CA PRO B 281 10.55 -3.74 -14.78
C PRO B 281 11.11 -5.14 -14.54
N ASP B 282 12.33 -5.17 -13.99
CA ASP B 282 13.10 -6.36 -13.67
C ASP B 282 13.92 -6.06 -12.39
N ALA B 283 14.48 -7.09 -11.74
CA ALA B 283 15.23 -6.94 -10.48
C ALA B 283 16.57 -6.18 -10.59
N LYS B 284 17.11 -5.94 -11.79
CA LYS B 284 18.32 -5.11 -11.81
C LYS B 284 17.96 -3.64 -11.97
N VAL B 285 16.70 -3.34 -12.31
CA VAL B 285 16.25 -1.96 -12.47
C VAL B 285 15.47 -1.52 -11.21
N ILE B 286 14.43 -2.31 -10.84
CA ILE B 286 13.63 -2.06 -9.66
C ILE B 286 14.23 -2.88 -8.55
N THR B 287 14.98 -2.22 -7.74
CA THR B 287 15.75 -2.68 -6.62
C THR B 287 14.98 -2.30 -5.33
N GLY B 288 15.32 -2.90 -4.20
CA GLY B 288 14.71 -2.62 -2.89
C GLY B 288 14.78 -1.15 -2.47
N GLN B 289 15.75 -0.40 -2.98
CA GLN B 289 15.91 1.03 -2.75
C GLN B 289 14.82 1.84 -3.47
N ILE B 290 14.30 1.32 -4.58
CA ILE B 290 13.19 1.93 -5.29
C ILE B 290 11.89 1.39 -4.65
N LYS B 291 11.78 0.08 -4.44
CA LYS B 291 10.58 -0.50 -3.87
C LYS B 291 10.21 0.12 -2.50
N ASN B 292 11.17 0.28 -1.58
CA ASN B 292 10.90 0.88 -0.27
C ASN B 292 10.70 2.40 -0.27
N ASN B 293 11.17 3.11 -1.31
CA ASN B 293 11.12 4.57 -1.31
C ASN B 293 10.22 5.20 -2.39
N VAL B 294 9.70 4.45 -3.36
CA VAL B 294 8.86 5.16 -4.28
C VAL B 294 7.43 4.59 -4.09
N PRO B 295 6.57 5.36 -3.40
CA PRO B 295 5.25 4.82 -3.01
C PRO B 295 4.21 4.74 -4.10
N VAL B 296 4.15 5.76 -5.00
CA VAL B 296 3.13 5.85 -6.05
C VAL B 296 3.49 4.95 -7.23
N ARG B 297 2.58 4.01 -7.52
CA ARG B 297 2.80 3.06 -8.59
C ARG B 297 1.74 3.16 -9.70
N ILE B 298 2.21 3.39 -10.91
CA ILE B 298 1.40 3.46 -12.11
C ILE B 298 1.90 2.35 -13.04
N CYS B 299 1.00 1.41 -13.41
CA CYS B 299 1.39 0.28 -14.24
C CYS B 299 0.50 0.07 -15.47
N GLY B 300 1.13 0.02 -16.64
CA GLY B 300 0.51 -0.28 -17.93
C GLY B 300 0.49 -1.77 -18.14
N ARG B 301 -0.08 -2.24 -19.29
CA ARG B 301 -0.18 -3.67 -19.59
C ARG B 301 1.18 -4.31 -19.83
N PHE B 302 1.34 -5.51 -19.26
CA PHE B 302 2.51 -6.35 -19.36
C PHE B 302 2.03 -7.77 -19.47
N ALA B 303 2.31 -8.43 -20.61
CA ALA B 303 1.94 -9.83 -20.86
C ALA B 303 2.57 -10.75 -19.80
N ASP B 304 3.68 -10.28 -19.20
CA ASP B 304 4.43 -10.91 -18.12
C ASP B 304 3.80 -10.55 -16.73
N SER B 305 3.79 -11.53 -15.80
CA SER B 305 3.27 -11.39 -14.44
C SER B 305 4.29 -10.72 -13.54
N LYS B 306 5.59 -11.09 -13.71
CA LYS B 306 6.71 -10.57 -12.92
C LYS B 306 6.74 -9.05 -12.91
N ALA B 307 6.51 -8.41 -14.06
CA ALA B 307 6.50 -6.95 -14.24
C ALA B 307 5.47 -6.30 -13.31
N SER B 308 4.20 -6.81 -13.39
CA SER B 308 3.09 -6.40 -12.55
C SER B 308 3.38 -6.59 -11.06
N GLU B 309 3.93 -7.78 -10.68
CA GLU B 309 4.24 -8.11 -9.31
C GLU B 309 5.29 -7.16 -8.76
N ILE B 310 6.31 -6.82 -9.57
CA ILE B 310 7.38 -5.90 -9.15
C ILE B 310 6.81 -4.52 -8.80
N VAL B 311 5.98 -3.97 -9.70
CA VAL B 311 5.41 -2.65 -9.61
C VAL B 311 4.21 -2.59 -8.64
N LEU B 312 3.25 -3.52 -8.77
CA LEU B 312 1.99 -3.47 -7.98
C LEU B 312 1.84 -4.48 -6.86
N SER B 313 2.74 -5.47 -6.77
CA SER B 313 2.64 -6.56 -5.78
C SER B 313 1.44 -7.51 -6.01
N ASN B 314 0.96 -7.56 -7.28
CA ASN B 314 -0.14 -8.41 -7.75
C ASN B 314 0.09 -8.65 -9.23
N THR B 315 -0.68 -9.55 -9.86
CA THR B 315 -0.50 -9.85 -11.29
C THR B 315 -1.55 -9.13 -12.20
N LYS B 316 -2.38 -8.23 -11.62
CA LYS B 316 -3.48 -7.51 -12.27
C LYS B 316 -3.13 -6.73 -13.56
N ALA B 317 -1.85 -6.40 -13.85
CA ALA B 317 -1.52 -5.65 -15.07
C ALA B 317 -1.50 -6.50 -16.36
N LYS B 318 -1.59 -7.82 -16.24
CA LYS B 318 -1.62 -8.67 -17.44
C LYS B 318 -3.05 -8.72 -18.03
N ASP B 319 -4.05 -8.21 -17.27
CA ASP B 319 -5.48 -8.21 -17.61
C ASP B 319 -6.02 -6.85 -18.06
N LEU B 320 -5.14 -5.86 -18.10
CA LEU B 320 -5.39 -4.48 -18.52
C LEU B 320 -5.84 -4.40 -20.03
N PRO B 321 -6.85 -3.58 -20.43
CA PRO B 321 -7.17 -3.48 -21.86
C PRO B 321 -5.99 -2.93 -22.67
N GLU B 322 -5.88 -3.35 -23.95
CA GLU B 322 -4.82 -2.91 -24.85
C GLU B 322 -5.16 -1.54 -25.48
N VAL B 323 -5.31 -0.52 -24.63
CA VAL B 323 -5.68 0.86 -24.96
C VAL B 323 -4.54 1.78 -24.57
N LYS B 324 -4.17 2.71 -25.46
CA LYS B 324 -3.10 3.66 -25.19
C LYS B 324 -3.57 4.65 -24.11
N GLY B 325 -2.88 4.63 -22.97
CA GLY B 325 -3.21 5.49 -21.86
C GLY B 325 -4.02 4.82 -20.77
N ARG B 326 -4.28 3.51 -20.90
CA ARG B 326 -4.98 2.77 -19.86
C ARG B 326 -3.95 2.23 -18.90
N PHE B 327 -4.16 2.49 -17.60
CA PHE B 327 -3.22 2.08 -16.58
C PHE B 327 -3.88 1.58 -15.30
N LEU B 328 -3.08 0.98 -14.44
CA LEU B 328 -3.42 0.57 -13.08
C LEU B 328 -2.69 1.52 -12.10
N PHE B 329 -3.40 2.01 -11.09
CA PHE B 329 -2.90 2.91 -10.05
C PHE B 329 -2.93 2.26 -8.68
N LYS B 330 -1.85 2.44 -7.89
CA LYS B 330 -1.77 1.90 -6.52
C LYS B 330 -0.98 2.79 -5.54
N LEU B 331 -1.66 3.19 -4.47
CA LEU B 331 -1.17 3.97 -3.35
C LEU B 331 -2.16 3.64 -2.22
N GLY B 332 -1.92 2.53 -1.58
CA GLY B 332 -2.82 2.02 -0.55
C GLY B 332 -3.18 0.59 -0.89
N ALA B 333 -4.20 0.06 -0.21
CA ALA B 333 -4.65 -1.32 -0.36
C ALA B 333 -5.21 -1.68 -1.74
N ASP B 334 -5.78 -0.71 -2.43
CA ASP B 334 -6.48 -0.90 -3.70
C ASP B 334 -5.69 -0.55 -4.93
N THR B 335 -5.88 -1.38 -5.97
CA THR B 335 -5.37 -1.22 -7.34
C THR B 335 -6.58 -0.80 -8.15
N VAL B 336 -6.49 0.36 -8.78
CA VAL B 336 -7.59 0.97 -9.52
C VAL B 336 -7.21 1.29 -10.96
N GLN B 337 -8.12 1.00 -11.91
CA GLN B 337 -7.94 1.24 -13.34
C GLN B 337 -8.36 2.66 -13.69
N PHE B 338 -7.54 3.38 -14.49
CA PHE B 338 -7.83 4.77 -14.87
C PHE B 338 -7.35 5.09 -16.30
N GLN B 339 -7.87 6.13 -16.91
CA GLN B 339 -7.41 6.55 -18.20
C GLN B 339 -6.54 7.76 -17.96
N ALA B 340 -5.30 7.67 -18.41
CA ALA B 340 -4.35 8.78 -18.30
C ALA B 340 -4.70 9.84 -19.35
N PHE B 341 -4.31 11.09 -19.14
CA PHE B 341 -4.63 12.19 -20.05
C PHE B 341 -3.75 12.19 -21.24
N TYR B 342 -4.35 12.38 -22.44
CA TYR B 342 -3.59 12.47 -23.67
C TYR B 342 -2.98 13.85 -23.65
N PHE B 343 -1.67 13.91 -23.48
CA PHE B 343 -0.90 15.12 -23.39
C PHE B 343 0.04 15.18 -24.58
N ASP B 344 -0.28 16.07 -25.50
CA ASP B 344 0.45 16.33 -26.72
C ASP B 344 1.26 17.60 -26.50
N ASP B 345 2.57 17.56 -26.79
CA ASP B 345 3.44 18.73 -26.65
C ASP B 345 3.06 19.87 -27.63
N ASP B 346 2.39 19.50 -28.74
CA ASP B 346 1.94 20.42 -29.79
C ASP B 346 0.73 21.26 -29.35
N LYS B 347 -0.25 20.61 -28.69
CA LYS B 347 -1.51 21.24 -28.25
C LYS B 347 -1.51 21.67 -26.79
N HIS B 348 -0.95 20.83 -25.89
CA HIS B 348 -1.01 21.01 -24.43
C HIS B 348 0.25 21.59 -23.76
N PHE B 349 1.45 21.38 -24.34
CA PHE B 349 2.68 21.95 -23.78
C PHE B 349 3.10 23.30 -24.46
N ILE B 350 2.97 24.42 -23.70
CA ILE B 350 3.32 25.80 -24.11
C ILE B 350 4.36 26.38 -23.10
N PRO B 351 5.69 26.37 -23.42
CA PRO B 351 6.70 26.84 -22.44
C PRO B 351 6.55 28.28 -21.94
N ASN B 352 6.12 29.22 -22.81
CA ASN B 352 5.91 30.64 -22.53
C ASN B 352 5.06 30.86 -21.27
N LYS B 353 4.06 29.98 -21.06
CA LYS B 353 3.07 30.02 -19.98
C LYS B 353 3.67 29.79 -18.62
N ILE B 354 4.49 28.73 -18.52
CA ILE B 354 5.21 28.23 -17.34
C ILE B 354 6.11 29.26 -16.67
N LEU B 355 6.98 29.89 -17.50
CA LEU B 355 8.00 30.88 -17.15
C LEU B 355 7.43 31.98 -16.30
N LYS B 356 6.15 32.35 -16.56
CA LYS B 356 5.38 33.40 -15.87
C LYS B 356 4.96 33.06 -14.42
N LEU B 357 5.09 31.78 -14.02
CA LEU B 357 4.71 31.29 -12.69
C LEU B 357 5.95 30.80 -11.93
#